data_5LWV
#
_entry.id   5LWV
#
_cell.length_a   168.024
_cell.length_b   168.024
_cell.length_c   162.265
_cell.angle_alpha   90.00
_cell.angle_beta   90.00
_cell.angle_gamma   120.00
#
_symmetry.space_group_name_H-M   'P 62 2 2'
#
loop_
_entity.id
_entity.type
_entity.pdbx_description
1 polymer 'Host cell factor 1,UDP-N-acetylglucosamine--peptide N-acetylglucosaminyltransferase 110 kDa subunit'
2 non-polymer "URIDINE-5'-DIPHOSPHATE"
3 non-polymer GLYCEROL
4 non-polymer 'PHOSPHATE ION'
5 water water
#
_entity_poly.entity_id   1
_entity_poly.type   'polypeptide(L)'
_entity_poly.pdbx_seq_one_letter_code
;HHHHHHPPCETHETGTTNTATTATGGGTHADSLNNLANIKREQGNIEEAVRLYRKALEVFPEFAAAHSNLASVLQQQGKL
QEALMHYKEAIRISPTFADAYSNMGNTLKEMQDVQGALQCYTRAIQINPAFADAHSNLASIHKDSGNIPEAIASYRTALK
LKPDFPDAYCNLAHCLQIVCDWTDYDERMKKLVSIVADQLEKNRLPSVHPHHSMLYPLSHGFRKAIAERHGNLCLDKINV
LHKPPYEHPKDLKLSDGRLRVGYVSSDFGNHPTSHLMQSIPGMHNPDKFEVFCYALSPDDGTNFRVKVMAEANHFIDLSQ
IPCNGKAADRIHQDGIHILVNMNGYTKGARNELFALRPAPIQAMWLGYPGTSGALFMDYIITDQETSPAEVAEQYSEKLA
YMPHTFFIGDHANMFPHLKKKAVIDFKSNGHIYDNRIVLNGIDLKAFLDSLPDVKIVKMKCPDGGDNADSSNTALNMPVI
PMNTIAEAVIEMINRGQIQITINGFSISNGLATTQINNKAATGEEVPRTIIVTTRSQYGLPEDAIVYCNFNQLYKIDPST
LQMWANILKRVPNSVLWLLRFPAVGEPNIQQYAQNMGLPQNRIIFSPVAPKEEHVRRGQLADVCLDTPLCNGHTTGMDVL
WAGTPMVTMPGETLASRVAASQLTCLGCLELIAKNRQEYEDIAVKLGTDLEYLKKVRGKVWKQRISSPLFNTKQYTMELE
RLYLQMWEHYAAGNKPDHMIKPVEVTESA
;
_entity_poly.pdbx_strand_id   A
#
loop_
_chem_comp.id
_chem_comp.type
_chem_comp.name
_chem_comp.formula
GOL non-polymer GLYCEROL 'C3 H8 O3'
PO4 non-polymer 'PHOSPHATE ION' 'O4 P -3'
UDP RNA linking URIDINE-5'-DIPHOSPHATE 'C9 H14 N2 O12 P2'
#
# COMPACT_ATOMS: atom_id res chain seq x y z
N GLU A 10 4.89 -0.88 6.05
CA GLU A 10 4.84 -2.37 5.87
C GLU A 10 4.40 -2.81 4.45
N THR A 11 5.28 -3.57 3.82
CA THR A 11 5.17 -3.97 2.41
C THR A 11 4.68 -5.46 2.41
N HIS A 12 4.42 -6.10 1.26
CA HIS A 12 4.27 -7.58 1.29
C HIS A 12 5.61 -8.36 1.48
N GLU A 13 5.51 -9.67 1.67
CA GLU A 13 6.67 -10.53 1.85
C GLU A 13 7.08 -10.93 0.43
N THR A 14 8.35 -10.84 0.13
CA THR A 14 8.80 -11.20 -1.21
C THR A 14 8.60 -12.75 -1.35
N GLY A 15 8.06 -13.16 -2.48
CA GLY A 15 7.97 -14.58 -2.83
C GLY A 15 9.33 -15.27 -2.95
N THR A 16 9.36 -16.56 -2.65
CA THR A 16 10.57 -17.36 -2.79
C THR A 16 10.45 -18.36 -3.94
N THR A 17 11.52 -19.07 -4.23
CA THR A 17 11.60 -20.08 -5.33
C THR A 17 11.87 -21.45 -4.77
N ASN A 18 10.92 -22.38 -4.87
CA ASN A 18 11.20 -23.76 -4.43
C ASN A 18 12.01 -24.47 -5.52
N THR A 19 12.87 -25.36 -5.13
CA THR A 19 13.76 -26.09 -6.05
C THR A 19 13.19 -27.51 -6.19
N ALA A 20 12.85 -27.93 -7.39
CA ALA A 20 12.32 -29.34 -7.60
C ALA A 20 13.58 -30.19 -7.85
N THR A 21 13.74 -31.27 -7.14
CA THR A 21 14.88 -32.13 -7.28
C THR A 21 14.54 -33.30 -8.25
N THR A 22 15.32 -33.38 -9.30
CA THR A 22 15.17 -34.49 -10.28
C THR A 22 15.85 -35.67 -9.71
N ALA A 23 15.14 -36.78 -9.68
CA ALA A 23 15.74 -37.99 -9.12
C ALA A 23 16.47 -38.77 -10.18
N THR A 24 17.71 -39.15 -9.90
CA THR A 24 18.50 -39.99 -10.82
C THR A 24 19.26 -41.01 -10.02
N GLY A 25 19.75 -42.01 -10.72
CA GLY A 25 20.64 -43.00 -10.14
C GLY A 25 19.92 -44.02 -9.28
N GLY A 26 18.60 -43.89 -9.12
CA GLY A 26 17.88 -44.70 -8.13
C GLY A 26 17.15 -45.78 -8.93
N GLY A 27 16.24 -46.46 -8.25
CA GLY A 27 15.33 -47.42 -8.86
C GLY A 27 14.52 -46.70 -9.94
N THR A 28 14.29 -47.38 -11.07
CA THR A 28 13.56 -46.80 -12.18
C THR A 28 12.15 -46.41 -11.79
N HIS A 29 11.48 -47.28 -11.05
CA HIS A 29 10.09 -47.04 -10.69
C HIS A 29 9.97 -45.72 -9.82
N ALA A 30 10.67 -45.69 -8.71
CA ALA A 30 10.64 -44.53 -7.76
C ALA A 30 11.11 -43.25 -8.44
N ASP A 31 12.22 -43.31 -9.20
CA ASP A 31 12.69 -42.13 -9.92
C ASP A 31 11.62 -41.59 -10.85
N SER A 32 10.97 -42.49 -11.62
CA SER A 32 9.98 -42.12 -12.55
C SER A 32 8.76 -41.48 -11.88
N LEU A 33 8.29 -42.04 -10.79
CA LEU A 33 7.19 -41.48 -10.07
C LEU A 33 7.51 -40.06 -9.55
N ASN A 34 8.70 -39.90 -8.98
CA ASN A 34 9.12 -38.57 -8.48
C ASN A 34 9.19 -37.55 -9.61
N ASN A 35 9.81 -37.94 -10.73
CA ASN A 35 10.01 -37.00 -11.84
C ASN A 35 8.75 -36.63 -12.52
N LEU A 36 7.84 -37.59 -12.68
CA LEU A 36 6.59 -37.29 -13.29
C LEU A 36 5.79 -36.40 -12.32
N ALA A 37 5.82 -36.70 -11.00
CA ALA A 37 5.20 -35.81 -9.99
C ALA A 37 5.67 -34.35 -10.09
N ASN A 38 6.96 -34.14 -10.32
CA ASN A 38 7.48 -32.78 -10.52
C ASN A 38 6.82 -32.09 -11.68
N ILE A 39 6.58 -32.85 -12.74
CA ILE A 39 5.98 -32.28 -13.94
C ILE A 39 4.52 -31.98 -13.66
N LYS A 40 3.79 -32.87 -13.01
CA LYS A 40 2.43 -32.63 -12.74
C LYS A 40 2.30 -31.35 -11.84
N ARG A 41 3.24 -31.17 -10.92
CA ARG A 41 3.23 -29.95 -10.05
C ARG A 41 3.40 -28.70 -10.92
N GLU A 42 4.34 -28.71 -11.84
CA GLU A 42 4.53 -27.59 -12.76
C GLU A 42 3.30 -27.25 -13.56
N GLN A 43 2.55 -28.26 -13.98
CA GLN A 43 1.32 -28.05 -14.74
C GLN A 43 0.19 -27.56 -13.92
N GLY A 44 0.33 -27.53 -12.58
CA GLY A 44 -0.79 -27.14 -11.76
C GLY A 44 -1.63 -28.32 -11.38
N ASN A 45 -1.26 -29.57 -11.73
CA ASN A 45 -1.98 -30.75 -11.22
C ASN A 45 -1.40 -31.22 -9.85
N ILE A 46 -1.76 -30.47 -8.81
CA ILE A 46 -1.13 -30.54 -7.47
C ILE A 46 -1.53 -31.80 -6.79
N GLU A 47 -2.81 -32.10 -6.81
CA GLU A 47 -3.30 -33.29 -6.17
C GLU A 47 -2.65 -34.54 -6.73
N GLU A 48 -2.51 -34.56 -8.06
CA GLU A 48 -1.94 -35.70 -8.75
C GLU A 48 -0.45 -35.80 -8.44
N ALA A 49 0.22 -34.65 -8.36
CA ALA A 49 1.59 -34.64 -7.88
C ALA A 49 1.75 -35.27 -6.51
N VAL A 50 0.90 -34.86 -5.58
CA VAL A 50 0.95 -35.45 -4.26
C VAL A 50 0.78 -36.98 -4.33
N ARG A 51 -0.21 -37.45 -5.10
CA ARG A 51 -0.45 -38.92 -5.20
C ARG A 51 0.76 -39.61 -5.73
N LEU A 52 1.40 -39.02 -6.72
CA LEU A 52 2.62 -39.61 -7.26
C LEU A 52 3.82 -39.61 -6.29
N TYR A 53 4.02 -38.51 -5.56
CA TYR A 53 5.13 -38.54 -4.56
C TYR A 53 4.81 -39.56 -3.50
N ARG A 54 3.56 -39.67 -3.09
CA ARG A 54 3.26 -40.68 -2.08
C ARG A 54 3.44 -42.10 -2.63
N LYS A 55 3.15 -42.34 -3.93
CA LYS A 55 3.51 -43.68 -4.48
C LYS A 55 4.98 -43.86 -4.45
N ALA A 56 5.73 -42.84 -4.81
CA ALA A 56 7.19 -43.00 -4.81
C ALA A 56 7.73 -43.41 -3.45
N LEU A 57 7.16 -42.81 -2.41
CA LEU A 57 7.55 -43.09 -1.00
C LEU A 57 7.09 -44.49 -0.54
N GLU A 58 5.93 -44.96 -1.02
CA GLU A 58 5.53 -46.34 -0.78
C GLU A 58 6.54 -47.32 -1.42
N VAL A 59 7.03 -47.02 -2.63
CA VAL A 59 7.99 -47.88 -3.30
C VAL A 59 9.35 -47.82 -2.63
N PHE A 60 9.83 -46.60 -2.28
CA PHE A 60 11.15 -46.39 -1.67
C PHE A 60 10.96 -45.41 -0.47
N PRO A 61 10.70 -45.91 0.71
CA PRO A 61 10.38 -45.10 1.91
C PRO A 61 11.47 -44.08 2.24
N GLU A 62 12.74 -44.43 2.01
CA GLU A 62 13.90 -43.53 2.31
C GLU A 62 14.39 -42.71 1.16
N PHE A 63 13.47 -42.15 0.42
CA PHE A 63 13.77 -41.47 -0.84
C PHE A 63 13.79 -39.96 -0.52
N ALA A 64 14.98 -39.42 -0.41
CA ALA A 64 15.14 -38.07 0.10
C ALA A 64 14.48 -37.06 -0.84
N ALA A 65 14.75 -37.19 -2.13
CA ALA A 65 14.14 -36.31 -3.10
C ALA A 65 12.63 -36.26 -3.03
N ALA A 66 12.01 -37.41 -2.97
CA ALA A 66 10.58 -37.48 -2.97
C ALA A 66 10.04 -36.81 -1.62
N HIS A 67 10.71 -37.03 -0.49
CA HIS A 67 10.32 -36.31 0.77
C HIS A 67 10.33 -34.80 0.61
N SER A 68 11.39 -34.29 -0.02
CA SER A 68 11.52 -32.88 -0.16
C SER A 68 10.56 -32.35 -1.20
N ASN A 69 10.44 -33.04 -2.36
CA ASN A 69 9.50 -32.55 -3.35
C ASN A 69 8.06 -32.63 -2.81
N LEU A 70 7.72 -33.68 -2.10
CA LEU A 70 6.36 -33.76 -1.58
C LEU A 70 6.12 -32.55 -0.65
N ALA A 71 7.11 -32.26 0.21
CA ALA A 71 7.00 -31.16 1.20
C ALA A 71 6.75 -29.85 0.49
N SER A 72 7.42 -29.65 -0.65
CA SER A 72 7.23 -28.46 -1.43
C SER A 72 5.80 -28.27 -1.97
N VAL A 73 5.11 -29.37 -2.36
CA VAL A 73 3.71 -29.28 -2.76
C VAL A 73 2.80 -29.16 -1.56
N LEU A 74 3.15 -29.81 -0.47
CA LEU A 74 2.40 -29.62 0.77
C LEU A 74 2.47 -28.17 1.24
N GLN A 75 3.61 -27.52 1.08
CA GLN A 75 3.72 -26.07 1.39
C GLN A 75 2.81 -25.21 0.52
N GLN A 76 2.78 -25.48 -0.78
CA GLN A 76 1.81 -24.88 -1.70
C GLN A 76 0.39 -25.05 -1.26
N GLN A 77 0.05 -26.16 -0.60
CA GLN A 77 -1.29 -26.41 -0.12
C GLN A 77 -1.57 -25.89 1.29
N GLY A 78 -0.59 -25.21 1.87
CA GLY A 78 -0.73 -24.64 3.17
C GLY A 78 -0.53 -25.62 4.27
N LYS A 79 -0.01 -26.80 3.95
CA LYS A 79 0.22 -27.86 4.97
C LYS A 79 1.67 -27.75 5.48
N LEU A 80 1.92 -26.66 6.20
CA LEU A 80 3.27 -26.25 6.52
C LEU A 80 3.96 -27.16 7.52
N GLN A 81 3.25 -27.67 8.52
CA GLN A 81 3.87 -28.51 9.51
C GLN A 81 4.19 -29.88 8.89
N GLU A 82 3.26 -30.38 8.08
CA GLU A 82 3.53 -31.69 7.41
C GLU A 82 4.68 -31.51 6.42
N ALA A 83 4.80 -30.34 5.78
CA ALA A 83 5.92 -30.09 4.90
C ALA A 83 7.25 -30.12 5.67
N LEU A 84 7.29 -29.41 6.80
CA LEU A 84 8.51 -29.44 7.60
C LEU A 84 8.95 -30.84 8.03
N MET A 85 7.99 -31.67 8.45
CA MET A 85 8.25 -33.04 8.83
C MET A 85 9.01 -33.75 7.67
N HIS A 86 8.57 -33.54 6.43
CA HIS A 86 9.24 -34.23 5.30
C HIS A 86 10.55 -33.63 4.95
N TYR A 87 10.72 -32.31 5.03
CA TYR A 87 12.02 -31.70 4.81
C TYR A 87 13.04 -32.26 5.76
N LYS A 88 12.64 -32.40 7.01
CA LYS A 88 13.60 -32.92 8.04
C LYS A 88 13.91 -34.38 7.73
N GLU A 89 12.90 -35.16 7.28
CA GLU A 89 13.17 -36.57 6.92
C GLU A 89 14.15 -36.60 5.74
N ALA A 90 13.93 -35.77 4.72
CA ALA A 90 14.89 -35.68 3.62
C ALA A 90 16.33 -35.38 4.06
N ILE A 91 16.44 -34.46 5.02
CA ILE A 91 17.80 -34.08 5.50
C ILE A 91 18.42 -35.18 6.39
N ARG A 92 17.62 -35.85 7.17
CA ARG A 92 18.13 -36.97 7.92
C ARG A 92 18.73 -38.04 6.94
N ILE A 93 17.99 -38.33 5.87
CA ILE A 93 18.45 -39.34 4.92
C ILE A 93 19.67 -38.79 4.25
N SER A 94 19.67 -37.53 3.90
CA SER A 94 20.76 -36.96 3.14
C SER A 94 21.23 -35.58 3.76
N PRO A 95 22.19 -35.60 4.74
CA PRO A 95 22.47 -34.37 5.51
C PRO A 95 23.02 -33.24 4.71
N THR A 96 23.58 -33.48 3.52
CA THR A 96 24.06 -32.41 2.64
C THR A 96 23.12 -32.16 1.49
N PHE A 97 21.83 -32.43 1.69
CA PHE A 97 20.81 -32.16 0.65
C PHE A 97 20.42 -30.66 0.68
N ALA A 98 21.10 -29.84 -0.09
CA ALA A 98 20.92 -28.40 -0.06
C ALA A 98 19.53 -27.98 -0.50
N ASP A 99 18.97 -28.62 -1.53
CA ASP A 99 17.63 -28.28 -1.98
C ASP A 99 16.63 -28.33 -0.80
N ALA A 100 16.70 -29.34 0.03
CA ALA A 100 15.78 -29.53 1.14
C ALA A 100 15.96 -28.39 2.19
N TYR A 101 17.18 -27.90 2.38
CA TYR A 101 17.36 -26.84 3.35
C TYR A 101 16.77 -25.58 2.82
N SER A 102 17.04 -25.27 1.54
CA SER A 102 16.51 -24.06 0.93
C SER A 102 14.99 -24.05 0.88
N ASN A 103 14.42 -25.16 0.41
CA ASN A 103 12.97 -25.31 0.47
C ASN A 103 12.37 -25.23 1.87
N MET A 104 13.01 -25.84 2.85
CA MET A 104 12.56 -25.73 4.23
C MET A 104 12.62 -24.26 4.69
N GLY A 105 13.68 -23.56 4.25
CA GLY A 105 13.82 -22.13 4.48
C GLY A 105 12.58 -21.38 4.03
N ASN A 106 12.08 -21.72 2.86
CA ASN A 106 10.92 -20.97 2.30
C ASN A 106 9.69 -21.22 3.14
N THR A 107 9.58 -22.44 3.68
CA THR A 107 8.48 -22.80 4.49
C THR A 107 8.55 -22.02 5.84
N LEU A 108 9.74 -22.02 6.45
CA LEU A 108 9.92 -21.23 7.69
C LEU A 108 9.63 -19.74 7.48
N LYS A 109 10.04 -19.19 6.33
CA LYS A 109 9.78 -17.80 6.06
C LYS A 109 8.27 -17.57 6.07
N GLU A 110 7.53 -18.48 5.48
CA GLU A 110 6.08 -18.30 5.34
C GLU A 110 5.43 -18.42 6.71
N MET A 111 5.97 -19.27 7.55
CA MET A 111 5.58 -19.33 8.94
C MET A 111 6.05 -18.10 9.80
N GLN A 112 6.66 -17.07 9.22
CA GLN A 112 7.15 -15.90 9.94
C GLN A 112 8.34 -16.20 10.88
N ASP A 113 9.10 -17.25 10.61
CA ASP A 113 10.26 -17.59 11.38
C ASP A 113 11.47 -17.23 10.49
N VAL A 114 11.78 -15.94 10.47
CA VAL A 114 12.83 -15.35 9.67
C VAL A 114 14.17 -15.84 10.06
N GLN A 115 14.36 -16.04 11.36
CA GLN A 115 15.62 -16.52 11.81
C GLN A 115 15.83 -17.96 11.34
N GLY A 116 14.79 -18.79 11.47
CA GLY A 116 14.90 -20.20 10.97
C GLY A 116 15.17 -20.26 9.50
N ALA A 117 14.52 -19.36 8.76
CA ALA A 117 14.70 -19.29 7.31
C ALA A 117 16.11 -18.93 6.96
N LEU A 118 16.63 -17.92 7.65
CA LEU A 118 18.05 -17.55 7.40
C LEU A 118 19.00 -18.67 7.75
N GLN A 119 18.75 -19.34 8.84
CA GLN A 119 19.60 -20.50 9.22
C GLN A 119 19.61 -21.61 8.15
N CYS A 120 18.43 -21.84 7.55
CA CYS A 120 18.31 -22.82 6.41
C CYS A 120 18.97 -22.34 5.15
N TYR A 121 18.72 -21.11 4.74
CA TYR A 121 19.36 -20.63 3.54
C TYR A 121 20.93 -20.58 3.67
N THR A 122 21.42 -20.14 4.83
CA THR A 122 22.89 -20.05 4.98
C THR A 122 23.47 -21.43 5.07
N ARG A 123 22.76 -22.39 5.70
CA ARG A 123 23.23 -23.76 5.62
C ARG A 123 23.28 -24.28 4.17
N ALA A 124 22.22 -24.04 3.40
CA ALA A 124 22.18 -24.47 2.01
C ALA A 124 23.36 -23.96 1.21
N ILE A 125 23.65 -22.66 1.40
CA ILE A 125 24.72 -21.99 0.70
C ILE A 125 26.11 -22.44 1.16
N GLN A 126 26.19 -22.74 2.44
CA GLN A 126 27.40 -23.35 3.00
C GLN A 126 27.63 -24.70 2.31
N ILE A 127 26.59 -25.51 2.18
CA ILE A 127 26.72 -26.79 1.46
C ILE A 127 27.09 -26.60 0.03
N ASN A 128 26.35 -25.74 -0.68
CA ASN A 128 26.51 -25.50 -2.07
C ASN A 128 26.53 -24.00 -2.43
N PRO A 129 27.73 -23.41 -2.53
CA PRO A 129 27.87 -21.99 -2.83
C PRO A 129 27.37 -21.57 -4.18
N ALA A 130 27.30 -22.51 -5.10
CA ALA A 130 26.78 -22.24 -6.42
C ALA A 130 25.24 -22.52 -6.51
N PHE A 131 24.54 -22.66 -5.38
CA PHE A 131 23.09 -22.93 -5.44
C PHE A 131 22.31 -21.62 -5.69
N ALA A 132 21.99 -21.35 -6.94
CA ALA A 132 21.33 -20.10 -7.29
C ALA A 132 20.01 -19.83 -6.52
N ASP A 133 19.15 -20.84 -6.43
CA ASP A 133 17.86 -20.58 -5.85
C ASP A 133 18.05 -20.12 -4.37
N ALA A 134 18.95 -20.77 -3.62
CA ALA A 134 19.16 -20.40 -2.21
C ALA A 134 19.65 -18.96 -2.09
N HIS A 135 20.56 -18.51 -2.98
CA HIS A 135 20.99 -17.12 -3.00
C HIS A 135 19.81 -16.21 -3.21
N SER A 136 18.94 -16.56 -4.16
CA SER A 136 17.75 -15.76 -4.43
C SER A 136 16.76 -15.71 -3.23
N ASN A 137 16.61 -16.83 -2.55
CA ASN A 137 15.73 -16.91 -1.43
C ASN A 137 16.26 -16.08 -0.23
N LEU A 138 17.58 -16.14 -0.05
CA LEU A 138 18.27 -15.33 0.96
C LEU A 138 18.09 -13.84 0.63
N ALA A 139 18.21 -13.51 -0.66
CA ALA A 139 17.98 -12.18 -1.12
C ALA A 139 16.63 -11.65 -0.71
N SER A 140 15.61 -12.49 -0.80
CA SER A 140 14.25 -12.12 -0.43
C SER A 140 14.15 -11.73 1.07
N ILE A 141 14.96 -12.36 1.92
CA ILE A 141 14.99 -11.97 3.34
C ILE A 141 15.60 -10.60 3.50
N HIS A 142 16.71 -10.36 2.84
CA HIS A 142 17.31 -9.00 2.88
C HIS A 142 16.37 -7.96 2.36
N LYS A 143 15.65 -8.29 1.29
CA LYS A 143 14.73 -7.35 0.73
C LYS A 143 13.62 -7.03 1.76
N ASP A 144 13.06 -8.03 2.37
CA ASP A 144 11.98 -7.80 3.32
C ASP A 144 12.45 -7.12 4.61
N SER A 145 13.72 -7.25 4.96
CA SER A 145 14.34 -6.56 6.11
C SER A 145 14.61 -5.07 5.86
N GLY A 146 14.64 -4.64 4.59
CA GLY A 146 14.98 -3.28 4.24
C GLY A 146 16.47 -3.12 3.98
N ASN A 147 17.17 -4.21 3.72
CA ASN A 147 18.56 -4.13 3.37
C ASN A 147 18.65 -4.27 1.82
N ILE A 148 18.41 -3.20 1.07
CA ILE A 148 18.30 -3.33 -0.35
C ILE A 148 19.63 -3.63 -0.98
N PRO A 149 20.73 -3.01 -0.48
CA PRO A 149 21.98 -3.33 -1.14
C PRO A 149 22.39 -4.80 -1.00
N GLU A 150 22.08 -5.42 0.14
CA GLU A 150 22.41 -6.83 0.25
C GLU A 150 21.48 -7.73 -0.61
N ALA A 151 20.21 -7.38 -0.69
CA ALA A 151 19.27 -8.07 -1.56
C ALA A 151 19.72 -8.00 -3.02
N ILE A 152 20.13 -6.82 -3.44
CA ILE A 152 20.64 -6.64 -4.81
C ILE A 152 21.85 -7.53 -5.01
N ALA A 153 22.77 -7.59 -4.03
CA ALA A 153 23.96 -8.41 -4.15
C ALA A 153 23.60 -9.87 -4.26
N SER A 154 22.71 -10.33 -3.40
CA SER A 154 22.36 -11.75 -3.45
C SER A 154 21.60 -12.13 -4.78
N TYR A 155 20.70 -11.27 -5.23
CA TYR A 155 19.99 -11.51 -6.51
C TYR A 155 20.98 -11.52 -7.71
N ARG A 156 21.98 -10.64 -7.65
CA ARG A 156 23.00 -10.66 -8.64
C ARG A 156 23.81 -11.91 -8.64
N THR A 157 24.13 -12.48 -7.46
CA THR A 157 24.81 -13.75 -7.39
C THR A 157 23.98 -14.85 -8.01
N ALA A 158 22.68 -14.83 -7.70
CA ALA A 158 21.79 -15.86 -8.20
C ALA A 158 21.77 -15.80 -9.72
N LEU A 159 21.69 -14.60 -10.26
CA LEU A 159 21.55 -14.43 -11.74
C LEU A 159 22.87 -14.76 -12.51
N LYS A 160 23.99 -14.49 -11.85
CA LYS A 160 25.30 -14.89 -12.31
C LYS A 160 25.39 -16.41 -12.38
N LEU A 161 24.86 -17.11 -11.39
CA LEU A 161 24.85 -18.52 -11.40
C LEU A 161 23.80 -19.10 -12.32
N LYS A 162 22.68 -18.45 -12.47
CA LYS A 162 21.59 -19.02 -13.24
C LYS A 162 20.96 -17.88 -14.02
N PRO A 163 21.52 -17.56 -15.20
CA PRO A 163 21.13 -16.39 -15.93
C PRO A 163 19.70 -16.29 -16.34
N ASP A 164 19.00 -17.40 -16.47
CA ASP A 164 17.59 -17.40 -16.73
C ASP A 164 16.89 -17.79 -15.44
N PHE A 165 16.43 -16.76 -14.72
CA PHE A 165 15.95 -16.93 -13.35
C PHE A 165 14.91 -15.82 -13.07
N PRO A 166 13.69 -16.02 -13.54
CA PRO A 166 12.68 -15.00 -13.49
C PRO A 166 12.37 -14.41 -12.08
N ASP A 167 12.32 -15.23 -11.05
CA ASP A 167 12.03 -14.67 -9.72
C ASP A 167 13.14 -13.72 -9.28
N ALA A 168 14.39 -14.11 -9.50
CA ALA A 168 15.51 -13.31 -9.16
C ALA A 168 15.51 -12.08 -10.00
N TYR A 169 15.32 -12.20 -11.31
CA TYR A 169 15.34 -10.99 -12.12
C TYR A 169 14.28 -9.98 -11.70
N CYS A 170 13.05 -10.46 -11.48
CA CYS A 170 11.93 -9.57 -11.20
C CYS A 170 12.05 -8.92 -9.78
N ASN A 171 12.46 -9.71 -8.79
CA ASN A 171 12.67 -9.16 -7.46
C ASN A 171 13.85 -8.17 -7.45
N LEU A 172 14.87 -8.44 -8.24
CA LEU A 172 15.95 -7.48 -8.44
C LEU A 172 15.41 -6.21 -9.05
N ALA A 173 14.56 -6.33 -10.08
CA ALA A 173 14.05 -5.13 -10.72
C ALA A 173 13.29 -4.26 -9.69
N HIS A 174 12.57 -4.89 -8.79
CA HIS A 174 11.81 -4.10 -7.82
C HIS A 174 12.75 -3.49 -6.75
N CYS A 175 13.83 -4.18 -6.40
CA CYS A 175 14.87 -3.56 -5.56
C CYS A 175 15.43 -2.29 -6.17
N LEU A 176 15.76 -2.38 -7.46
CA LEU A 176 16.24 -1.26 -8.21
C LEU A 176 15.22 -0.15 -8.28
N GLN A 177 13.95 -0.50 -8.48
CA GLN A 177 12.87 0.49 -8.48
C GLN A 177 12.80 1.23 -7.11
N ILE A 178 12.92 0.46 -6.02
CA ILE A 178 12.81 1.09 -4.65
C ILE A 178 13.83 2.23 -4.41
N VAL A 179 15.06 2.03 -4.92
CA VAL A 179 16.14 2.98 -4.78
C VAL A 179 16.38 3.87 -6.01
N CYS A 180 15.42 3.91 -6.92
CA CYS A 180 15.53 4.72 -8.13
C CYS A 180 16.84 4.51 -8.88
N ASP A 181 17.25 3.26 -8.98
CA ASP A 181 18.33 2.89 -9.88
C ASP A 181 17.70 2.59 -11.22
N TRP A 182 17.92 3.49 -12.15
CA TRP A 182 17.36 3.35 -13.51
C TRP A 182 18.35 2.94 -14.57
N THR A 183 19.37 2.23 -14.18
CA THR A 183 20.38 1.74 -15.10
C THR A 183 19.73 0.80 -16.13
N ASP A 184 19.92 1.10 -17.42
CA ASP A 184 19.33 0.25 -18.48
C ASP A 184 17.84 0.06 -18.30
N TYR A 185 17.15 1.14 -17.91
CA TYR A 185 15.75 1.04 -17.51
C TYR A 185 14.82 0.49 -18.62
N ASP A 186 14.95 1.03 -19.83
CA ASP A 186 14.03 0.62 -20.90
C ASP A 186 14.20 -0.83 -21.24
N GLU A 187 15.42 -1.30 -21.27
CA GLU A 187 15.68 -2.72 -21.52
C GLU A 187 15.15 -3.59 -20.35
N ARG A 188 15.27 -3.09 -19.12
CA ARG A 188 14.77 -3.80 -17.99
C ARG A 188 13.26 -3.94 -18.11
N MET A 189 12.54 -2.86 -18.43
CA MET A 189 11.06 -2.92 -18.61
C MET A 189 10.64 -3.92 -19.71
N LYS A 190 11.33 -3.90 -20.83
CA LYS A 190 11.04 -4.92 -21.91
C LYS A 190 11.29 -6.32 -21.47
N LYS A 191 12.33 -6.50 -20.68
CA LYS A 191 12.59 -7.80 -20.23
C LYS A 191 11.53 -8.29 -19.24
N LEU A 192 11.07 -7.43 -18.34
CA LEU A 192 10.03 -7.87 -17.39
C LEU A 192 8.81 -8.30 -18.17
N VAL A 193 8.44 -7.51 -19.18
CA VAL A 193 7.26 -7.84 -20.00
C VAL A 193 7.41 -9.21 -20.66
N SER A 194 8.60 -9.45 -21.20
CA SER A 194 8.92 -10.68 -21.87
C SER A 194 8.91 -11.90 -20.94
N ILE A 195 9.39 -11.73 -19.72
CA ILE A 195 9.33 -12.81 -18.73
C ILE A 195 7.90 -13.13 -18.43
N VAL A 196 7.09 -12.09 -18.16
CA VAL A 196 5.71 -12.34 -17.77
C VAL A 196 4.95 -13.05 -18.97
N ALA A 197 5.24 -12.61 -20.20
CA ALA A 197 4.63 -13.24 -21.41
C ALA A 197 4.92 -14.71 -21.48
N ASP A 198 6.17 -15.06 -21.28
CA ASP A 198 6.63 -16.45 -21.24
C ASP A 198 5.98 -17.25 -20.11
N GLN A 199 5.85 -16.65 -18.94
CA GLN A 199 5.29 -17.43 -17.82
C GLN A 199 3.81 -17.61 -18.01
N LEU A 200 3.11 -16.59 -18.50
CA LEU A 200 1.69 -16.74 -18.76
C LEU A 200 1.44 -17.82 -19.87
N GLU A 201 2.28 -17.82 -20.89
CA GLU A 201 2.17 -18.85 -21.93
C GLU A 201 2.43 -20.27 -21.39
N LYS A 202 3.44 -20.44 -20.53
CA LYS A 202 3.79 -21.75 -20.05
C LYS A 202 3.06 -22.10 -18.80
N ASN A 203 2.09 -21.28 -18.39
CA ASN A 203 1.27 -21.53 -17.22
C ASN A 203 2.10 -21.79 -15.94
N ARG A 204 3.03 -20.86 -15.67
CA ARG A 204 3.88 -20.86 -14.47
C ARG A 204 3.49 -19.55 -13.70
N LEU A 205 3.64 -19.50 -12.37
CA LEU A 205 3.23 -18.36 -11.55
C LEU A 205 4.13 -17.18 -12.00
N PRO A 206 3.54 -16.06 -12.45
CA PRO A 206 4.35 -14.91 -12.83
C PRO A 206 5.23 -14.37 -11.67
N SER A 207 6.46 -14.03 -12.00
CA SER A 207 7.44 -13.52 -11.02
C SER A 207 7.23 -12.09 -10.63
N VAL A 208 6.41 -11.33 -11.39
CA VAL A 208 6.00 -10.00 -11.00
C VAL A 208 4.80 -10.15 -10.06
N HIS A 209 4.86 -9.51 -8.88
CA HIS A 209 3.78 -9.60 -7.93
C HIS A 209 2.64 -8.68 -8.42
N PRO A 210 1.38 -9.01 -8.16
CA PRO A 210 0.24 -8.16 -8.60
C PRO A 210 0.33 -6.69 -8.23
N HIS A 211 0.75 -6.42 -7.01
CA HIS A 211 0.87 -5.07 -6.50
C HIS A 211 1.97 -4.31 -7.22
N HIS A 212 2.99 -4.96 -7.74
CA HIS A 212 4.07 -4.31 -8.44
C HIS A 212 3.80 -4.13 -9.93
N SER A 213 2.79 -4.82 -10.47
CA SER A 213 2.55 -4.88 -11.92
C SER A 213 2.16 -3.54 -12.48
N MET A 214 1.55 -2.72 -11.63
CA MET A 214 1.19 -1.36 -11.94
C MET A 214 2.41 -0.48 -12.32
N LEU A 215 3.60 -0.86 -11.89
CA LEU A 215 4.82 -0.03 -12.14
C LEU A 215 5.51 -0.29 -13.45
N TYR A 216 5.11 -1.35 -14.16
CA TYR A 216 5.81 -1.81 -15.36
C TYR A 216 4.85 -1.75 -16.57
N PRO A 217 5.37 -1.56 -17.79
CA PRO A 217 4.45 -1.31 -18.94
C PRO A 217 3.87 -2.60 -19.49
N LEU A 218 3.22 -3.32 -18.59
CA LEU A 218 2.59 -4.59 -18.87
C LEU A 218 1.20 -4.19 -19.40
N SER A 219 0.63 -5.00 -20.27
CA SER A 219 -0.74 -4.76 -20.76
C SER A 219 -1.75 -4.97 -19.62
N HIS A 220 -2.92 -4.41 -19.80
CA HIS A 220 -3.93 -4.68 -18.81
C HIS A 220 -4.27 -6.15 -18.66
N GLY A 221 -4.29 -6.89 -19.77
CA GLY A 221 -4.62 -8.30 -19.69
C GLY A 221 -3.52 -9.05 -18.89
N PHE A 222 -2.26 -8.66 -19.09
CA PHE A 222 -1.17 -9.30 -18.32
C PHE A 222 -1.32 -9.01 -16.80
N ARG A 223 -1.63 -7.77 -16.48
CA ARG A 223 -1.82 -7.35 -15.08
C ARG A 223 -2.95 -8.11 -14.44
N LYS A 224 -4.05 -8.27 -15.17
CA LYS A 224 -5.16 -9.01 -14.67
C LYS A 224 -4.85 -10.47 -14.50
N ALA A 225 -4.13 -10.99 -15.48
CA ALA A 225 -3.74 -12.37 -15.41
C ALA A 225 -2.75 -12.67 -14.26
N ILE A 226 -1.78 -11.77 -14.01
CA ILE A 226 -0.87 -11.96 -12.84
C ILE A 226 -1.74 -12.02 -11.55
N ALA A 227 -2.70 -11.10 -11.44
CA ALA A 227 -3.62 -11.07 -10.31
C ALA A 227 -4.38 -12.39 -10.15
N GLU A 228 -4.94 -12.88 -11.27
CA GLU A 228 -5.68 -14.12 -11.25
C GLU A 228 -4.82 -15.29 -10.75
N ARG A 229 -3.62 -15.40 -11.30
CA ARG A 229 -2.74 -16.49 -10.95
C ARG A 229 -2.33 -16.42 -9.47
N HIS A 230 -2.16 -15.21 -8.96
CA HIS A 230 -1.93 -15.08 -7.52
C HIS A 230 -3.13 -15.48 -6.69
N GLY A 231 -4.32 -15.14 -7.13
CA GLY A 231 -5.53 -15.62 -6.45
C GLY A 231 -5.65 -17.11 -6.43
N ASN A 232 -5.16 -17.74 -7.50
CA ASN A 232 -5.21 -19.18 -7.63
C ASN A 232 -4.38 -19.91 -6.56
N LEU A 233 -3.32 -19.29 -6.05
CA LEU A 233 -2.60 -19.83 -4.88
C LEU A 233 -3.54 -20.07 -3.68
N CYS A 234 -4.54 -19.21 -3.48
CA CYS A 234 -5.47 -19.33 -2.38
C CYS A 234 -6.34 -20.51 -2.62
N LEU A 235 -6.69 -20.76 -3.88
CA LEU A 235 -7.53 -21.95 -4.19
C LEU A 235 -6.87 -23.25 -3.85
N ASP A 236 -5.60 -23.38 -4.17
CA ASP A 236 -4.85 -24.58 -3.81
C ASP A 236 -4.82 -24.83 -2.28
N LYS A 237 -4.90 -23.75 -1.50
CA LYS A 237 -4.92 -23.89 -0.07
C LYS A 237 -6.30 -24.23 0.47
N ILE A 238 -7.37 -23.73 -0.12
CA ILE A 238 -8.66 -24.04 0.41
C ILE A 238 -9.19 -25.36 -0.16
N ASN A 239 -8.74 -25.80 -1.31
CA ASN A 239 -9.21 -27.06 -1.91
C ASN A 239 -8.96 -28.24 -1.02
N VAL A 240 -7.87 -28.20 -0.26
CA VAL A 240 -7.61 -29.31 0.61
C VAL A 240 -8.55 -29.37 1.77
N LEU A 241 -9.37 -28.36 1.97
CA LEU A 241 -10.29 -28.44 3.07
C LEU A 241 -11.58 -29.18 2.67
N HIS A 242 -11.82 -29.32 1.37
CA HIS A 242 -13.03 -29.98 0.87
C HIS A 242 -14.28 -29.45 1.51
N LYS A 243 -14.44 -28.12 1.57
CA LYS A 243 -15.60 -27.58 2.26
C LYS A 243 -16.69 -27.38 1.22
N PRO A 244 -17.92 -27.72 1.54
CA PRO A 244 -18.99 -27.44 0.55
C PRO A 244 -19.29 -25.93 0.37
N PRO A 245 -20.04 -25.55 -0.67
CA PRO A 245 -20.46 -24.15 -0.73
C PRO A 245 -21.29 -23.83 0.48
N TYR A 246 -21.20 -22.61 0.98
CA TYR A 246 -22.05 -22.15 2.02
C TYR A 246 -23.41 -21.73 1.46
N GLU A 247 -24.45 -21.93 2.25
CA GLU A 247 -25.79 -21.44 1.89
C GLU A 247 -25.93 -20.05 2.49
N HIS A 248 -26.32 -19.12 1.62
CA HIS A 248 -26.31 -17.69 1.95
C HIS A 248 -27.72 -17.19 2.25
N PRO A 249 -27.85 -16.17 3.06
CA PRO A 249 -29.14 -15.50 3.21
C PRO A 249 -29.65 -15.01 1.86
N LYS A 250 -30.98 -15.08 1.67
CA LYS A 250 -31.67 -14.59 0.47
C LYS A 250 -32.59 -13.40 0.73
N ASP A 251 -32.57 -12.89 1.96
CA ASP A 251 -33.39 -11.80 2.46
C ASP A 251 -32.73 -11.27 3.75
N LEU A 252 -33.33 -10.26 4.33
CA LEU A 252 -32.85 -9.61 5.53
C LEU A 252 -33.70 -9.93 6.78
N LYS A 253 -34.49 -11.00 6.74
CA LYS A 253 -35.44 -11.24 7.84
C LYS A 253 -34.73 -11.62 9.14
N LEU A 254 -33.73 -12.48 9.08
CA LEU A 254 -33.01 -12.87 10.29
C LEU A 254 -32.27 -11.74 10.95
N SER A 255 -31.93 -10.70 10.19
CA SER A 255 -31.18 -9.54 10.69
C SER A 255 -32.12 -8.38 10.88
N ASP A 256 -33.43 -8.66 10.98
CA ASP A 256 -34.36 -7.62 11.32
C ASP A 256 -34.39 -6.47 10.30
N GLY A 257 -34.30 -6.79 9.01
CA GLY A 257 -34.30 -5.76 7.97
C GLY A 257 -32.94 -5.05 7.79
N ARG A 258 -31.90 -5.42 8.55
CA ARG A 258 -30.56 -4.76 8.43
C ARG A 258 -29.63 -5.55 7.51
N LEU A 259 -28.88 -4.84 6.65
CA LEU A 259 -27.86 -5.44 5.85
C LEU A 259 -26.60 -5.66 6.73
N ARG A 260 -26.12 -6.90 6.84
CA ARG A 260 -24.90 -7.21 7.54
C ARG A 260 -23.70 -7.11 6.65
N VAL A 261 -22.82 -6.16 7.00
CA VAL A 261 -21.65 -5.85 6.22
C VAL A 261 -20.45 -6.22 7.05
N GLY A 262 -19.58 -7.02 6.51
CA GLY A 262 -18.35 -7.42 7.16
C GLY A 262 -17.13 -6.81 6.50
N TYR A 263 -16.34 -6.08 7.27
CA TYR A 263 -15.11 -5.42 6.79
C TYR A 263 -13.95 -6.28 7.24
N VAL A 264 -13.22 -6.89 6.32
CA VAL A 264 -12.15 -7.74 6.66
C VAL A 264 -10.84 -7.00 6.36
N SER A 265 -10.01 -6.82 7.40
CA SER A 265 -8.73 -6.11 7.20
C SER A 265 -7.62 -6.60 8.14
N SER A 266 -6.37 -6.62 7.66
CA SER A 266 -5.21 -6.83 8.58
C SER A 266 -4.77 -5.52 9.21
N ASP A 267 -5.48 -4.44 8.93
CA ASP A 267 -5.00 -3.08 9.20
C ASP A 267 -5.83 -2.27 10.20
N PHE A 268 -6.57 -2.91 11.11
CA PHE A 268 -7.32 -2.15 12.06
C PHE A 268 -6.32 -1.88 13.22
N GLY A 269 -5.68 -0.72 13.18
CA GLY A 269 -4.50 -0.40 14.06
C GLY A 269 -3.77 0.70 13.38
N ASN A 270 -2.50 0.88 13.72
CA ASN A 270 -1.78 2.02 13.23
C ASN A 270 -1.28 1.70 11.87
N HIS A 271 -2.18 1.89 10.87
CA HIS A 271 -1.90 1.60 9.46
C HIS A 271 -2.63 2.57 8.59
N PRO A 272 -2.08 2.83 7.40
CA PRO A 272 -2.72 3.83 6.58
C PRO A 272 -4.23 3.59 6.33
N THR A 273 -4.62 2.33 6.18
CA THR A 273 -6.04 2.04 5.93
C THR A 273 -6.92 2.58 7.02
N SER A 274 -6.50 2.41 8.27
CA SER A 274 -7.24 3.01 9.38
C SER A 274 -7.23 4.52 9.39
N HIS A 275 -6.11 5.09 8.94
CA HIS A 275 -6.03 6.53 8.80
C HIS A 275 -7.01 7.08 7.75
N LEU A 276 -7.42 6.19 6.84
CA LEU A 276 -8.45 6.53 5.89
C LEU A 276 -9.84 6.30 6.36
N MET A 277 -10.15 5.12 6.93
CA MET A 277 -11.55 4.77 7.10
C MET A 277 -12.00 4.43 8.51
N GLN A 278 -11.21 4.74 9.53
CA GLN A 278 -11.57 4.36 10.90
C GLN A 278 -12.88 4.91 11.39
N SER A 279 -13.38 6.03 10.84
CA SER A 279 -14.64 6.55 11.29
C SER A 279 -15.85 5.86 10.60
N ILE A 280 -15.63 5.15 9.50
CA ILE A 280 -16.76 4.62 8.73
C ILE A 280 -17.63 3.62 9.51
N PRO A 281 -17.01 2.68 10.22
CA PRO A 281 -17.84 1.70 10.92
C PRO A 281 -18.83 2.32 11.85
N GLY A 282 -18.40 3.29 12.62
CA GLY A 282 -19.34 3.96 13.51
C GLY A 282 -20.31 4.93 12.86
N MET A 283 -20.04 5.37 11.64
CA MET A 283 -20.96 6.24 10.97
C MET A 283 -22.11 5.52 10.24
N HIS A 284 -21.98 4.20 10.15
CA HIS A 284 -23.00 3.38 9.49
C HIS A 284 -24.34 3.56 10.28
N ASN A 285 -25.45 3.62 9.55
CA ASN A 285 -26.75 3.85 10.15
C ASN A 285 -27.30 2.54 10.73
N PRO A 286 -27.43 2.42 12.06
CA PRO A 286 -27.84 1.14 12.66
C PRO A 286 -29.26 0.73 12.36
N ASP A 287 -30.14 1.60 11.87
CA ASP A 287 -31.50 1.14 11.50
C ASP A 287 -31.49 0.32 10.25
N LYS A 288 -30.49 0.45 9.36
CA LYS A 288 -30.47 -0.34 8.13
C LYS A 288 -29.24 -1.20 7.94
N PHE A 289 -28.17 -0.95 8.72
CA PHE A 289 -26.90 -1.64 8.53
C PHE A 289 -26.38 -2.19 9.87
N GLU A 290 -25.82 -3.38 9.83
CA GLU A 290 -25.18 -3.98 10.99
C GLU A 290 -23.78 -4.32 10.60
N VAL A 291 -22.84 -3.70 11.28
CA VAL A 291 -21.38 -3.73 10.89
C VAL A 291 -20.59 -4.67 11.72
N PHE A 292 -19.88 -5.59 11.06
CA PHE A 292 -19.00 -6.55 11.64
C PHE A 292 -17.61 -6.23 11.12
N CYS A 293 -16.65 -6.03 12.03
CA CYS A 293 -15.25 -5.83 11.62
C CYS A 293 -14.43 -7.03 12.00
N TYR A 294 -13.83 -7.67 11.00
CA TYR A 294 -13.06 -8.84 11.14
C TYR A 294 -11.59 -8.44 11.02
N ALA A 295 -10.87 -8.47 12.14
CA ALA A 295 -9.47 -8.13 12.16
C ALA A 295 -8.66 -9.35 11.90
N LEU A 296 -7.67 -9.21 11.03
CA LEU A 296 -6.75 -10.26 10.71
C LEU A 296 -5.47 -10.08 11.51
N SER A 297 -5.35 -9.06 12.32
CA SER A 297 -4.09 -8.85 13.06
C SER A 297 -4.48 -8.67 14.52
N PRO A 298 -3.55 -9.01 15.44
CA PRO A 298 -3.82 -8.74 16.86
C PRO A 298 -3.87 -7.24 17.20
N ASP A 299 -4.37 -6.90 18.39
CA ASP A 299 -4.52 -5.55 18.86
C ASP A 299 -3.11 -4.97 19.03
N ASP A 300 -2.77 -3.87 18.38
CA ASP A 300 -1.42 -3.29 18.46
C ASP A 300 -1.33 -2.22 19.58
N GLY A 301 -2.34 -2.11 20.41
CA GLY A 301 -2.36 -1.09 21.45
C GLY A 301 -2.77 0.31 21.05
N THR A 302 -3.00 0.62 19.78
CA THR A 302 -3.26 2.03 19.42
C THR A 302 -4.67 2.42 19.48
N ASN A 303 -4.95 3.73 19.48
CA ASN A 303 -6.32 4.21 19.53
C ASN A 303 -7.12 3.89 18.25
N PHE A 304 -6.41 3.65 17.15
CA PHE A 304 -7.09 3.22 15.87
C PHE A 304 -7.91 1.94 16.14
N ARG A 305 -7.26 0.97 16.78
CA ARG A 305 -7.87 -0.30 17.17
C ARG A 305 -8.94 -0.10 18.23
N VAL A 306 -8.67 0.78 19.20
CA VAL A 306 -9.68 1.06 20.16
C VAL A 306 -10.96 1.58 19.55
N LYS A 307 -10.81 2.57 18.64
CA LYS A 307 -11.95 3.28 18.08
C LYS A 307 -12.82 2.26 17.28
N VAL A 308 -12.21 1.45 16.41
CA VAL A 308 -12.99 0.54 15.56
C VAL A 308 -13.69 -0.52 16.45
N MET A 309 -12.95 -1.05 17.45
CA MET A 309 -13.57 -1.95 18.43
C MET A 309 -14.76 -1.37 19.17
N ALA A 310 -14.72 -0.10 19.53
CA ALA A 310 -15.82 0.52 20.24
C ALA A 310 -16.96 0.84 19.32
N GLU A 311 -16.68 1.23 18.08
CA GLU A 311 -17.74 1.82 17.29
C GLU A 311 -18.45 0.86 16.39
N ALA A 312 -17.80 -0.20 16.02
CA ALA A 312 -18.39 -1.18 15.14
C ALA A 312 -19.49 -1.86 15.95
N ASN A 313 -20.58 -2.27 15.33
CA ASN A 313 -21.59 -3.04 16.03
C ASN A 313 -20.98 -4.30 16.59
N HIS A 314 -20.09 -4.96 15.84
CA HIS A 314 -19.41 -6.15 16.24
C HIS A 314 -17.98 -6.10 15.80
N PHE A 315 -17.10 -6.57 16.66
CA PHE A 315 -15.69 -6.73 16.30
C PHE A 315 -15.23 -8.10 16.58
N ILE A 316 -14.52 -8.69 15.63
CA ILE A 316 -14.19 -10.08 15.65
C ILE A 316 -12.74 -10.22 15.36
N ASP A 317 -12.00 -10.79 16.29
CA ASP A 317 -10.57 -10.98 16.07
C ASP A 317 -10.25 -12.31 15.48
N LEU A 318 -10.08 -12.31 14.17
CA LEU A 318 -9.73 -13.55 13.44
C LEU A 318 -8.26 -13.88 13.56
N SER A 319 -7.42 -12.97 14.09
CA SER A 319 -6.01 -13.39 14.31
C SER A 319 -6.03 -14.57 15.31
N GLN A 320 -7.07 -14.66 16.14
CA GLN A 320 -7.25 -15.80 17.07
C GLN A 320 -7.86 -17.05 16.42
N ILE A 321 -8.28 -16.98 15.16
CA ILE A 321 -8.79 -18.13 14.46
C ILE A 321 -7.99 -18.31 13.19
N PRO A 322 -6.81 -18.86 13.34
CA PRO A 322 -5.91 -18.85 12.18
C PRO A 322 -6.26 -19.89 11.12
N CYS A 323 -7.04 -20.94 11.44
CA CYS A 323 -7.50 -21.91 10.38
CA CYS A 323 -7.46 -21.90 10.42
C CYS A 323 -8.50 -21.17 9.51
N ASN A 324 -8.25 -21.12 8.21
CA ASN A 324 -9.14 -20.36 7.30
C ASN A 324 -10.54 -20.96 7.22
N GLY A 325 -10.64 -22.28 7.29
CA GLY A 325 -11.95 -22.96 7.23
C GLY A 325 -12.84 -22.53 8.39
N LYS A 326 -12.21 -22.42 9.54
CA LYS A 326 -12.92 -22.05 10.75
C LYS A 326 -13.24 -20.59 10.82
N ALA A 327 -12.31 -19.78 10.32
CA ALA A 327 -12.56 -18.33 10.24
C ALA A 327 -13.71 -18.02 9.29
N ALA A 328 -13.70 -18.67 8.12
CA ALA A 328 -14.80 -18.52 7.18
C ALA A 328 -16.09 -19.01 7.82
N ASP A 329 -16.08 -20.11 8.61
CA ASP A 329 -17.28 -20.58 9.24
C ASP A 329 -17.84 -19.53 10.20
N ARG A 330 -16.95 -18.83 10.90
CA ARG A 330 -17.37 -17.76 11.77
C ARG A 330 -18.06 -16.62 10.98
N ILE A 331 -17.45 -16.18 9.89
CA ILE A 331 -18.08 -15.17 9.05
C ILE A 331 -19.48 -15.64 8.59
N HIS A 332 -19.57 -16.85 8.08
CA HIS A 332 -20.86 -17.40 7.68
C HIS A 332 -21.89 -17.45 8.82
N GLN A 333 -21.43 -17.84 10.00
CA GLN A 333 -22.34 -17.88 11.16
C GLN A 333 -22.86 -16.56 11.51
N ASP A 334 -22.06 -15.52 11.31
CA ASP A 334 -22.56 -14.17 11.60
C ASP A 334 -23.61 -13.66 10.60
N GLY A 335 -23.81 -14.37 9.51
CA GLY A 335 -24.88 -14.04 8.58
C GLY A 335 -24.58 -12.92 7.59
N ILE A 336 -23.31 -12.69 7.27
CA ILE A 336 -22.88 -11.56 6.48
C ILE A 336 -23.51 -11.57 5.07
N HIS A 337 -24.08 -10.45 4.64
CA HIS A 337 -24.54 -10.29 3.24
C HIS A 337 -23.48 -9.81 2.29
N ILE A 338 -22.67 -8.85 2.72
CA ILE A 338 -21.62 -8.25 1.90
C ILE A 338 -20.33 -8.30 2.69
N LEU A 339 -19.34 -8.98 2.17
CA LEU A 339 -18.05 -9.13 2.80
C LEU A 339 -17.08 -8.30 1.99
N VAL A 340 -16.33 -7.47 2.67
CA VAL A 340 -15.47 -6.43 2.02
C VAL A 340 -14.00 -6.72 2.26
N ASN A 341 -13.27 -6.97 1.18
CA ASN A 341 -11.89 -7.30 1.15
C ASN A 341 -11.08 -5.98 1.11
N MET A 342 -10.53 -5.60 2.26
CA MET A 342 -9.68 -4.40 2.38
C MET A 342 -8.21 -4.65 2.14
N ASN A 343 -7.81 -5.90 1.88
CA ASN A 343 -6.41 -6.19 1.71
C ASN A 343 -5.96 -6.37 0.26
N GLY A 344 -6.71 -7.14 -0.54
CA GLY A 344 -6.10 -7.63 -1.76
C GLY A 344 -4.77 -8.35 -1.57
N TYR A 345 -3.83 -8.12 -2.47
CA TYR A 345 -2.56 -8.79 -2.48
C TYR A 345 -1.53 -7.94 -1.68
N THR A 346 -1.79 -7.85 -0.36
CA THR A 346 -0.92 -7.13 0.64
C THR A 346 -0.63 -8.05 1.80
N LYS A 347 0.45 -7.76 2.53
CA LYS A 347 0.79 -8.61 3.63
C LYS A 347 -0.35 -8.65 4.64
N GLY A 348 -0.50 -9.81 5.16
CA GLY A 348 -1.54 -10.04 6.20
C GLY A 348 -2.88 -10.53 5.60
N ALA A 349 -3.01 -10.52 4.25
CA ALA A 349 -4.27 -10.80 3.60
C ALA A 349 -4.51 -12.22 3.93
N ARG A 350 -5.74 -12.57 4.03
CA ARG A 350 -5.99 -14.02 4.08
C ARG A 350 -7.13 -14.20 3.06
N ASN A 351 -6.75 -14.06 1.79
CA ASN A 351 -7.74 -14.10 0.73
C ASN A 351 -8.39 -15.43 0.58
N GLU A 352 -7.78 -16.49 1.14
CA GLU A 352 -8.49 -17.78 1.34
C GLU A 352 -9.89 -17.62 1.94
N LEU A 353 -10.08 -16.65 2.85
CA LEU A 353 -11.38 -16.45 3.47
C LEU A 353 -12.43 -16.07 2.42
N PHE A 354 -12.02 -15.27 1.44
CA PHE A 354 -12.89 -14.81 0.35
C PHE A 354 -13.04 -16.00 -0.60
N ALA A 355 -11.96 -16.78 -0.83
CA ALA A 355 -12.05 -17.91 -1.77
C ALA A 355 -13.07 -18.95 -1.28
N LEU A 356 -13.26 -19.03 0.02
CA LEU A 356 -14.27 -19.92 0.56
C LEU A 356 -15.70 -19.42 0.40
N ARG A 357 -15.89 -18.14 0.02
CA ARG A 357 -17.23 -17.62 -0.30
C ARG A 357 -18.25 -17.79 0.86
N PRO A 358 -17.94 -17.25 2.03
CA PRO A 358 -18.88 -17.32 3.12
C PRO A 358 -20.03 -16.33 3.04
N ALA A 359 -19.93 -15.36 2.14
CA ALA A 359 -20.96 -14.36 1.94
C ALA A 359 -21.38 -14.37 0.50
N PRO A 360 -22.63 -13.93 0.22
CA PRO A 360 -23.14 -14.01 -1.19
C PRO A 360 -22.61 -12.92 -2.11
N ILE A 361 -22.21 -11.78 -1.52
CA ILE A 361 -21.63 -10.66 -2.25
C ILE A 361 -20.28 -10.30 -1.58
N GLN A 362 -19.23 -10.26 -2.37
CA GLN A 362 -17.87 -10.00 -1.88
C GLN A 362 -17.26 -8.89 -2.71
N ALA A 363 -16.87 -7.81 -2.02
CA ALA A 363 -16.41 -6.59 -2.68
C ALA A 363 -14.99 -6.14 -2.27
N MET A 364 -14.21 -5.74 -3.25
CA MET A 364 -12.89 -5.12 -3.03
C MET A 364 -13.12 -3.65 -2.66
N TRP A 365 -12.44 -3.13 -1.63
CA TRP A 365 -12.61 -1.77 -1.27
C TRP A 365 -11.37 -1.16 -0.57
N LEU A 366 -10.84 -0.10 -1.19
CA LEU A 366 -9.98 0.90 -0.56
C LEU A 366 -8.56 0.51 -0.26
N GLY A 367 -8.30 -0.66 0.30
CA GLY A 367 -6.94 -1.04 0.71
C GLY A 367 -6.01 -1.42 -0.41
N TYR A 368 -6.54 -2.01 -1.53
CA TYR A 368 -5.70 -2.53 -2.55
C TYR A 368 -6.04 -1.82 -3.91
N PRO A 369 -5.05 -1.15 -4.52
CA PRO A 369 -5.30 -0.33 -5.72
C PRO A 369 -5.13 -1.18 -7.00
N GLY A 370 -6.03 -2.14 -7.17
CA GLY A 370 -5.99 -3.03 -8.31
C GLY A 370 -7.02 -4.11 -8.18
N THR A 371 -7.07 -4.91 -9.24
CA THR A 371 -8.01 -6.03 -9.31
C THR A 371 -7.47 -7.25 -8.59
N SER A 372 -8.36 -8.04 -8.02
CA SER A 372 -8.01 -9.33 -7.49
C SER A 372 -7.75 -10.34 -8.59
N GLY A 373 -8.30 -10.09 -9.78
CA GLY A 373 -8.27 -11.05 -10.83
C GLY A 373 -9.08 -12.33 -10.61
N ALA A 374 -9.80 -12.46 -9.49
CA ALA A 374 -10.23 -13.74 -9.00
C ALA A 374 -11.74 -13.87 -9.08
N LEU A 375 -12.21 -15.08 -9.41
CA LEU A 375 -13.65 -15.33 -9.50
C LEU A 375 -14.41 -15.15 -8.17
N PHE A 376 -13.73 -15.29 -7.03
CA PHE A 376 -14.36 -15.14 -5.74
C PHE A 376 -14.68 -13.75 -5.29
N MET A 377 -14.17 -12.73 -5.96
CA MET A 377 -14.58 -11.37 -5.67
C MET A 377 -15.62 -10.92 -6.77
N ASP A 378 -16.72 -10.28 -6.38
CA ASP A 378 -17.80 -9.89 -7.28
C ASP A 378 -17.66 -8.49 -7.78
N TYR A 379 -17.26 -7.56 -6.89
CA TYR A 379 -17.29 -6.10 -7.15
C TYR A 379 -15.99 -5.45 -6.73
N ILE A 380 -15.61 -4.35 -7.42
CA ILE A 380 -14.63 -3.41 -6.90
C ILE A 380 -15.29 -2.07 -6.72
N ILE A 381 -15.16 -1.51 -5.51
CA ILE A 381 -15.72 -0.24 -5.17
C ILE A 381 -14.77 0.84 -5.67
N THR A 382 -15.26 1.69 -6.59
CA THR A 382 -14.43 2.64 -7.31
C THR A 382 -15.30 3.81 -7.69
N ASP A 383 -14.95 4.50 -8.73
CA ASP A 383 -15.76 5.61 -9.22
C ASP A 383 -15.39 5.86 -10.72
N GLN A 384 -16.22 6.67 -11.36
CA GLN A 384 -16.17 6.89 -12.80
C GLN A 384 -14.83 7.56 -13.22
N GLU A 385 -14.26 8.38 -12.35
CA GLU A 385 -12.93 9.00 -12.67
C GLU A 385 -11.82 8.07 -12.57
N THR A 386 -11.81 7.33 -11.46
CA THR A 386 -10.78 6.34 -11.25
C THR A 386 -10.82 5.24 -12.31
N SER A 387 -12.02 4.72 -12.58
CA SER A 387 -12.19 3.46 -13.34
C SER A 387 -13.34 3.62 -14.40
N PRO A 388 -13.10 4.45 -15.42
CA PRO A 388 -14.15 4.66 -16.47
C PRO A 388 -14.49 3.31 -17.09
N ALA A 389 -15.74 3.14 -17.49
CA ALA A 389 -16.20 1.83 -17.96
C ALA A 389 -15.40 1.27 -19.16
N GLU A 390 -14.85 2.15 -19.95
CA GLU A 390 -14.03 1.82 -21.07
C GLU A 390 -12.85 1.00 -20.68
N VAL A 391 -12.36 1.10 -19.44
CA VAL A 391 -11.15 0.37 -19.01
C VAL A 391 -11.49 -0.81 -18.11
N ALA A 392 -12.74 -1.27 -18.13
CA ALA A 392 -13.25 -2.46 -17.38
C ALA A 392 -12.43 -3.73 -17.63
N GLU A 393 -11.79 -3.78 -18.79
CA GLU A 393 -10.92 -4.92 -19.06
C GLU A 393 -9.81 -5.16 -18.01
N GLN A 394 -9.38 -4.11 -17.33
CA GLN A 394 -8.36 -4.23 -16.30
C GLN A 394 -8.79 -4.97 -15.06
N TYR A 395 -10.09 -5.10 -14.86
CA TYR A 395 -10.60 -5.67 -13.64
C TYR A 395 -11.35 -6.96 -13.92
N SER A 396 -11.24 -7.96 -13.05
CA SER A 396 -12.15 -9.15 -13.15
C SER A 396 -13.50 -8.86 -12.53
N GLU A 397 -13.52 -7.95 -11.54
CA GLU A 397 -14.71 -7.66 -10.80
C GLU A 397 -15.62 -6.76 -11.66
N LYS A 398 -16.89 -6.73 -11.34
CA LYS A 398 -17.74 -5.67 -11.77
C LYS A 398 -17.47 -4.38 -11.05
N LEU A 399 -17.55 -3.29 -11.80
CA LEU A 399 -17.40 -1.94 -11.25
C LEU A 399 -18.54 -1.52 -10.41
N ALA A 400 -18.27 -1.01 -9.23
CA ALA A 400 -19.35 -0.47 -8.39
C ALA A 400 -19.00 0.94 -7.98
N TYR A 401 -19.69 1.92 -8.58
CA TYR A 401 -19.30 3.30 -8.47
C TYR A 401 -19.86 4.03 -7.30
N MET A 402 -18.94 4.62 -6.53
CA MET A 402 -19.33 5.69 -5.62
C MET A 402 -19.56 6.97 -6.45
N PRO A 403 -20.35 7.87 -5.95
CA PRO A 403 -20.73 9.02 -6.82
C PRO A 403 -19.66 10.07 -7.02
N HIS A 404 -18.67 10.22 -6.10
CA HIS A 404 -17.60 11.16 -6.31
C HIS A 404 -16.30 10.45 -6.44
N THR A 405 -15.57 10.22 -5.34
CA THR A 405 -14.44 9.34 -5.42
C THR A 405 -14.66 8.21 -4.43
N PHE A 406 -14.07 7.07 -4.73
CA PHE A 406 -14.06 5.95 -3.77
C PHE A 406 -13.05 6.25 -2.61
N PHE A 407 -12.11 7.17 -2.84
CA PHE A 407 -11.11 7.46 -1.83
C PHE A 407 -11.79 8.24 -0.70
N ILE A 408 -11.25 8.03 0.50
CA ILE A 408 -11.68 8.78 1.68
C ILE A 408 -10.49 8.89 2.64
N GLY A 409 -10.60 9.81 3.59
CA GLY A 409 -9.51 10.02 4.56
C GLY A 409 -10.15 10.46 5.87
N ASP A 410 -9.53 10.10 6.99
CA ASP A 410 -10.04 10.54 8.28
C ASP A 410 -9.40 11.84 8.82
N HIS A 411 -8.88 12.63 7.93
CA HIS A 411 -8.11 13.84 8.31
C HIS A 411 -8.95 14.82 9.12
N ALA A 412 -10.24 14.97 8.84
CA ALA A 412 -11.03 15.94 9.56
C ALA A 412 -11.16 15.60 11.06
N ASN A 413 -11.23 14.32 11.42
CA ASN A 413 -11.28 13.83 12.78
C ASN A 413 -9.83 13.73 13.33
N MET A 414 -8.83 13.35 12.53
CA MET A 414 -7.49 13.14 13.11
C MET A 414 -6.71 14.45 13.31
N PHE A 415 -6.90 15.41 12.39
CA PHE A 415 -6.07 16.59 12.32
C PHE A 415 -6.91 17.84 12.27
N PRO A 416 -7.82 17.99 13.21
CA PRO A 416 -8.65 19.17 13.18
C PRO A 416 -7.89 20.43 13.51
N HIS A 417 -6.77 20.28 14.17
CA HIS A 417 -5.89 21.42 14.41
C HIS A 417 -5.40 22.01 13.12
N LEU A 418 -5.45 21.27 12.00
CA LEU A 418 -5.07 21.87 10.71
C LEU A 418 -6.16 22.50 9.93
N LYS A 419 -7.36 22.58 10.50
CA LYS A 419 -8.44 23.22 9.80
C LYS A 419 -8.18 24.73 9.73
N LYS A 420 -7.48 25.32 10.70
CA LYS A 420 -7.15 26.77 10.66
C LYS A 420 -5.66 26.92 10.86
N LYS A 421 -5.13 28.02 10.38
CA LYS A 421 -3.75 28.36 10.64
C LYS A 421 -3.55 29.85 10.87
N ALA A 422 -2.39 30.18 11.42
CA ALA A 422 -1.92 31.58 11.52
C ALA A 422 -0.48 31.58 11.10
N VAL A 423 0.02 32.75 10.73
CA VAL A 423 1.43 32.86 10.35
C VAL A 423 2.12 33.97 11.16
N ILE A 424 3.43 34.01 11.08
CA ILE A 424 4.26 35.13 11.60
C ILE A 424 4.82 35.85 10.42
N ASP A 425 4.59 37.16 10.33
CA ASP A 425 5.15 37.95 9.24
C ASP A 425 6.60 38.35 9.51
N PHE A 426 7.54 37.44 9.30
CA PHE A 426 8.99 37.67 9.45
C PHE A 426 9.50 38.64 8.35
N LYS A 427 9.95 39.81 8.78
CA LYS A 427 10.20 41.00 7.91
C LYS A 427 9.94 42.24 8.80
N ILE A 432 3.43 39.19 2.67
CA ILE A 432 2.89 38.26 3.66
C ILE A 432 2.61 36.86 3.03
N TYR A 433 3.32 35.89 3.54
CA TYR A 433 3.31 34.55 3.05
C TYR A 433 2.37 33.68 3.85
N ASP A 434 1.84 32.61 3.23
CA ASP A 434 1.00 31.66 3.98
C ASP A 434 1.69 30.37 4.41
N ASN A 435 2.97 30.23 4.10
CA ASN A 435 3.66 28.94 4.22
C ASN A 435 5.14 28.99 4.54
N ARG A 436 5.58 30.04 5.25
CA ARG A 436 6.96 30.14 5.73
C ARG A 436 7.14 29.81 7.20
N ILE A 437 6.29 30.42 8.03
CA ILE A 437 6.25 30.16 9.42
C ILE A 437 4.75 30.03 9.75
N VAL A 438 4.35 28.87 10.23
CA VAL A 438 2.92 28.56 10.37
C VAL A 438 2.69 28.08 11.78
N LEU A 439 1.54 28.46 12.33
CA LEU A 439 1.08 27.99 13.61
C LEU A 439 -0.26 27.27 13.42
N ASN A 440 -0.47 26.20 14.16
CA ASN A 440 -1.76 25.50 14.22
C ASN A 440 -1.97 25.08 15.66
N GLY A 441 -3.20 25.12 16.11
CA GLY A 441 -3.52 24.47 17.36
C GLY A 441 -4.97 24.61 17.70
N ILE A 442 -5.43 23.75 18.58
CA ILE A 442 -6.82 23.80 19.06
C ILE A 442 -7.13 25.11 19.78
N ASP A 443 -6.19 25.63 20.56
CA ASP A 443 -6.43 26.90 21.27
C ASP A 443 -5.78 28.05 20.55
N LEU A 444 -5.56 27.94 19.26
CA LEU A 444 -4.89 29.00 18.50
C LEU A 444 -5.69 30.30 18.56
N LYS A 445 -7.00 30.22 18.40
CA LYS A 445 -7.81 31.42 18.44
C LYS A 445 -7.65 32.16 19.79
N ALA A 446 -7.82 31.46 20.89
CA ALA A 446 -7.65 32.05 22.22
C ALA A 446 -6.21 32.62 22.37
N PHE A 447 -5.20 31.94 21.79
CA PHE A 447 -3.83 32.46 21.88
C PHE A 447 -3.74 33.78 21.16
N LEU A 448 -4.31 33.85 19.98
CA LEU A 448 -4.26 35.08 19.15
C LEU A 448 -5.07 36.26 19.74
N ASP A 449 -6.20 35.95 20.34
CA ASP A 449 -6.96 36.95 21.09
C ASP A 449 -6.14 37.52 22.26
N SER A 450 -5.16 36.81 22.78
CA SER A 450 -4.33 37.35 23.82
C SER A 450 -3.20 38.26 23.29
N LEU A 451 -3.05 38.43 21.99
CA LEU A 451 -2.04 39.31 21.45
C LEU A 451 -2.78 40.55 20.91
N PRO A 452 -2.60 41.72 21.52
CA PRO A 452 -3.40 42.86 21.04
C PRO A 452 -3.08 43.34 19.66
N ASP A 453 -1.94 42.96 19.10
CA ASP A 453 -1.54 43.49 17.80
C ASP A 453 -1.74 42.53 16.62
N VAL A 454 -2.53 41.50 16.79
CA VAL A 454 -2.78 40.57 15.66
C VAL A 454 -3.72 41.17 14.59
N LYS A 455 -3.36 41.03 13.30
CA LYS A 455 -4.23 41.47 12.18
C LYS A 455 -4.70 40.28 11.30
N ILE A 456 -5.89 40.45 10.69
CA ILE A 456 -6.64 39.39 9.97
C ILE A 456 -6.61 39.63 8.43
N VAL A 457 -6.18 38.65 7.62
CA VAL A 457 -6.10 38.83 6.12
C VAL A 457 -7.45 38.90 5.38
N ASN A 476 -10.07 32.96 6.48
CA ASN A 476 -9.18 34.05 6.89
C ASN A 476 -7.91 33.59 7.68
N MET A 477 -6.83 34.35 7.48
CA MET A 477 -5.54 33.97 7.99
C MET A 477 -5.00 35.05 8.96
N PRO A 478 -5.03 34.79 10.25
CA PRO A 478 -4.39 35.75 11.18
C PRO A 478 -2.91 35.86 10.98
N VAL A 479 -2.37 37.08 11.13
CA VAL A 479 -1.00 37.39 11.00
C VAL A 479 -0.43 37.98 12.30
N ILE A 480 0.59 37.34 12.88
CA ILE A 480 1.27 37.85 14.05
C ILE A 480 2.40 38.72 13.51
N PRO A 481 2.45 40.00 13.92
CA PRO A 481 3.54 40.84 13.40
C PRO A 481 4.81 40.50 14.07
N MET A 482 5.88 41.03 13.52
CA MET A 482 7.18 40.85 14.11
C MET A 482 7.22 41.69 15.42
N ASN A 483 7.27 41.03 16.56
CA ASN A 483 7.08 41.69 17.84
C ASN A 483 7.87 40.85 18.79
N THR A 484 7.84 41.25 20.03
CA THR A 484 8.52 40.46 21.05
C THR A 484 8.19 38.97 21.10
N ILE A 485 6.89 38.65 21.01
CA ILE A 485 6.41 37.29 21.06
C ILE A 485 6.91 36.44 19.83
N ALA A 486 6.79 37.01 18.67
CA ALA A 486 7.21 36.38 17.43
C ALA A 486 8.69 36.12 17.49
N GLU A 487 9.49 37.06 18.06
CA GLU A 487 10.91 36.79 18.20
C GLU A 487 11.17 35.65 19.11
N ALA A 488 10.40 35.50 20.18
CA ALA A 488 10.62 34.42 21.06
C ALA A 488 10.28 33.06 20.41
N VAL A 489 9.21 33.06 19.63
CA VAL A 489 8.85 31.86 18.88
C VAL A 489 9.92 31.48 17.92
N ILE A 490 10.41 32.41 17.12
CA ILE A 490 11.46 32.13 16.15
C ILE A 490 12.71 31.71 16.83
N GLU A 491 13.03 32.32 17.98
CA GLU A 491 14.18 31.84 18.78
C GLU A 491 14.04 30.38 19.23
N MET A 492 12.87 30.01 19.74
CA MET A 492 12.66 28.58 20.09
C MET A 492 12.99 27.64 18.87
N ILE A 493 12.55 28.04 17.69
CA ILE A 493 12.81 27.23 16.47
C ILE A 493 14.30 27.23 16.13
N ASN A 494 14.92 28.42 16.13
CA ASN A 494 16.37 28.56 15.75
C ASN A 494 17.25 27.79 16.67
N ARG A 495 16.89 27.68 17.93
CA ARG A 495 17.68 26.97 18.93
C ARG A 495 17.32 25.51 19.11
N GLY A 496 16.29 25.00 18.42
CA GLY A 496 15.90 23.61 18.62
C GLY A 496 15.32 23.33 19.98
N GLN A 497 14.69 24.32 20.59
CA GLN A 497 14.02 24.09 21.85
C GLN A 497 12.65 23.38 21.58
N ILE A 498 12.18 22.63 22.56
CA ILE A 498 10.99 21.74 22.46
C ILE A 498 9.72 22.57 22.51
N GLN A 499 9.63 23.45 23.51
CA GLN A 499 8.44 24.28 23.70
C GLN A 499 8.67 25.48 24.58
N ILE A 500 7.85 26.48 24.44
CA ILE A 500 7.84 27.63 25.34
C ILE A 500 6.41 27.83 25.81
N THR A 501 6.24 28.66 26.82
CA THR A 501 4.91 29.08 27.31
C THR A 501 4.79 30.58 27.16
N ILE A 502 3.79 31.01 26.43
CA ILE A 502 3.45 32.41 26.30
C ILE A 502 2.01 32.64 26.67
N ASN A 503 1.78 33.56 27.59
CA ASN A 503 0.44 33.88 28.07
C ASN A 503 -0.37 32.69 28.53
N GLY A 504 0.27 31.75 29.20
CA GLY A 504 -0.34 30.53 29.67
C GLY A 504 -0.52 29.46 28.57
N PHE A 505 -0.20 29.74 27.30
CA PHE A 505 -0.35 28.75 26.16
C PHE A 505 0.96 28.03 25.85
N SER A 506 0.97 26.69 25.80
CA SER A 506 2.17 25.99 25.34
C SER A 506 2.30 26.14 23.80
N ILE A 507 3.50 26.49 23.37
CA ILE A 507 3.86 26.70 21.94
C ILE A 507 5.00 25.74 21.74
N SER A 508 4.82 24.82 20.79
CA SER A 508 5.64 23.60 20.55
C SER A 508 6.44 23.78 19.29
N ASN A 509 7.62 23.21 19.28
CA ASN A 509 8.42 23.05 18.11
C ASN A 509 7.87 21.80 17.34
N GLY A 510 7.49 22.02 16.09
CA GLY A 510 6.89 20.94 15.28
C GLY A 510 7.80 19.76 15.01
N LEU A 511 9.11 19.93 15.19
CA LEU A 511 10.04 18.84 15.14
C LEU A 511 10.08 17.95 16.37
N ALA A 512 9.43 18.36 17.46
CA ALA A 512 9.63 17.69 18.75
C ALA A 512 8.31 17.09 19.29
N THR A 513 7.33 16.92 18.42
CA THR A 513 6.01 16.43 18.86
C THR A 513 6.06 15.12 19.64
N THR A 514 6.87 14.19 19.23
CA THR A 514 6.90 12.92 19.93
C THR A 514 7.47 13.06 21.34
N GLN A 515 8.30 14.08 21.62
CA GLN A 515 8.84 14.25 22.97
C GLN A 515 7.79 14.85 23.84
N ILE A 516 6.78 15.48 23.30
CA ILE A 516 5.70 16.11 24.08
C ILE A 516 4.54 15.16 24.28
N ASN A 517 4.04 14.57 23.18
CA ASN A 517 2.92 13.61 23.29
C ASN A 517 2.97 12.62 22.12
N ASN A 518 3.44 11.42 22.39
CA ASN A 518 3.70 10.48 21.31
C ASN A 518 2.40 10.13 20.51
N LYS A 519 1.27 10.18 21.17
CA LYS A 519 -0.01 9.90 20.53
C LYS A 519 -0.46 11.02 19.62
N ALA A 520 -0.03 12.25 19.89
CA ALA A 520 -0.36 13.34 19.02
C ALA A 520 0.47 13.16 17.72
N ALA A 521 1.70 12.68 17.85
CA ALA A 521 2.58 12.57 16.70
C ALA A 521 2.06 11.47 15.73
N THR A 522 1.52 10.39 16.27
CA THR A 522 1.04 9.28 15.42
C THR A 522 -0.33 9.50 14.81
N GLY A 523 -1.03 10.56 15.25
CA GLY A 523 -2.43 10.78 14.90
C GLY A 523 -3.49 10.11 15.78
N GLU A 524 -3.04 9.36 16.77
CA GLU A 524 -3.98 8.76 17.75
C GLU A 524 -4.77 9.78 18.57
N GLU A 525 -4.19 10.97 18.81
CA GLU A 525 -4.86 12.07 19.51
C GLU A 525 -4.54 13.37 18.81
N VAL A 526 -5.40 14.32 19.03
CA VAL A 526 -5.25 15.65 18.54
C VAL A 526 -4.21 16.36 19.44
N PRO A 527 -3.20 17.00 18.85
CA PRO A 527 -2.23 17.75 19.69
C PRO A 527 -2.94 18.76 20.61
N ARG A 528 -2.36 18.96 21.78
CA ARG A 528 -2.88 19.92 22.77
C ARG A 528 -2.15 21.26 22.75
N THR A 529 -0.96 21.30 22.18
CA THR A 529 -0.23 22.55 22.07
C THR A 529 -0.46 23.28 20.78
N ILE A 530 -0.05 24.54 20.75
CA ILE A 530 0.05 25.30 19.51
C ILE A 530 1.38 24.94 18.87
N ILE A 531 1.33 24.35 17.68
CA ILE A 531 2.55 23.86 17.03
C ILE A 531 3.06 24.83 16.00
N VAL A 532 4.37 25.00 15.94
CA VAL A 532 4.97 25.89 14.97
C VAL A 532 5.74 25.06 13.95
N THR A 533 5.55 25.39 12.70
CA THR A 533 6.15 24.68 11.57
C THR A 533 6.79 25.70 10.66
N THR A 534 8.07 25.48 10.29
CA THR A 534 8.75 26.50 9.47
C THR A 534 9.57 25.95 8.32
N ARG A 535 9.69 26.75 7.26
CA ARG A 535 10.58 26.38 6.20
C ARG A 535 12.03 26.22 6.67
N SER A 536 12.45 27.08 7.61
CA SER A 536 13.80 26.92 8.17
C SER A 536 14.03 25.60 8.83
N GLN A 537 12.99 25.00 9.40
CA GLN A 537 13.21 23.70 10.06
C GLN A 537 13.64 22.62 9.10
N TYR A 538 13.30 22.75 7.82
CA TYR A 538 13.62 21.69 6.82
C TYR A 538 14.59 22.18 5.73
N GLY A 539 15.22 23.33 5.93
CA GLY A 539 16.25 23.87 5.00
C GLY A 539 15.62 24.35 3.71
N LEU A 540 14.36 24.73 3.72
CA LEU A 540 13.71 25.13 2.51
C LEU A 540 13.89 26.66 2.37
N PRO A 541 13.97 27.17 1.15
CA PRO A 541 14.20 28.64 0.98
C PRO A 541 13.01 29.47 1.34
N GLU A 542 13.25 30.60 2.03
CA GLU A 542 12.17 31.54 2.36
C GLU A 542 11.61 32.32 1.18
N ASP A 543 12.33 32.42 0.08
CA ASP A 543 11.96 33.42 -1.01
C ASP A 543 11.83 32.73 -2.37
N ALA A 544 11.45 31.45 -2.36
CA ALA A 544 11.21 30.71 -3.57
C ALA A 544 10.11 29.62 -3.41
N ILE A 545 9.73 29.11 -4.58
CA ILE A 545 8.61 28.22 -4.73
C ILE A 545 9.10 26.82 -4.31
N VAL A 546 8.28 26.17 -3.49
CA VAL A 546 8.55 24.83 -3.04
C VAL A 546 7.52 23.88 -3.66
N TYR A 547 8.02 23.01 -4.52
CA TYR A 547 7.29 21.89 -5.10
C TYR A 547 7.61 20.67 -4.25
N CYS A 548 6.58 19.93 -3.81
CA CYS A 548 6.84 18.73 -3.01
C CYS A 548 6.28 17.44 -3.61
N ASN A 549 6.88 16.34 -3.21
CA ASN A 549 6.26 15.03 -3.34
C ASN A 549 6.76 14.13 -2.17
N PHE A 550 5.82 13.66 -1.35
CA PHE A 550 6.10 12.94 -0.16
C PHE A 550 5.83 11.44 -0.30
N ASN A 551 5.82 10.90 -1.51
CA ASN A 551 5.62 9.42 -1.66
C ASN A 551 6.92 8.66 -1.50
N GLN A 552 6.78 7.38 -1.31
CA GLN A 552 7.90 6.48 -1.48
C GLN A 552 8.52 6.66 -2.84
N LEU A 553 9.84 6.58 -2.89
CA LEU A 553 10.60 6.95 -4.06
C LEU A 553 10.35 5.96 -5.21
N TYR A 554 9.87 4.77 -4.89
CA TYR A 554 9.64 3.78 -5.95
C TYR A 554 8.61 4.27 -6.97
N LYS A 555 7.75 5.21 -6.61
CA LYS A 555 6.77 5.73 -7.51
C LYS A 555 7.31 6.62 -8.59
N ILE A 556 8.59 7.02 -8.47
CA ILE A 556 9.24 7.90 -9.45
C ILE A 556 9.90 7.05 -10.54
N ASP A 557 9.81 7.52 -11.79
CA ASP A 557 10.51 6.90 -12.91
C ASP A 557 11.29 7.96 -13.71
N PRO A 558 12.09 7.52 -14.70
CA PRO A 558 12.82 8.58 -15.50
C PRO A 558 11.98 9.66 -16.16
N SER A 559 10.87 9.28 -16.77
CA SER A 559 9.96 10.33 -17.34
C SER A 559 9.50 11.32 -16.33
N THR A 560 9.14 10.82 -15.17
CA THR A 560 8.63 11.71 -14.13
C THR A 560 9.69 12.69 -13.64
N LEU A 561 10.88 12.20 -13.37
CA LEU A 561 11.92 13.15 -12.89
C LEU A 561 12.26 14.16 -13.97
N GLN A 562 12.18 13.75 -15.24
CA GLN A 562 12.50 14.68 -16.37
C GLN A 562 11.39 15.75 -16.40
N MET A 563 10.16 15.35 -16.17
CA MET A 563 9.08 16.36 -16.10
C MET A 563 9.34 17.40 -15.01
N TRP A 564 9.74 16.89 -13.85
CA TRP A 564 10.00 17.74 -12.69
C TRP A 564 11.19 18.64 -12.97
N ALA A 565 12.25 18.10 -13.56
CA ALA A 565 13.35 18.98 -13.97
C ALA A 565 12.93 20.04 -14.93
N ASN A 566 12.07 19.71 -15.90
CA ASN A 566 11.58 20.72 -16.86
C ASN A 566 10.85 21.84 -16.16
N ILE A 567 10.07 21.50 -15.12
CA ILE A 567 9.33 22.50 -14.37
C ILE A 567 10.31 23.41 -13.57
N LEU A 568 11.23 22.79 -12.86
CA LEU A 568 12.22 23.52 -12.06
C LEU A 568 13.03 24.42 -12.98
N LYS A 569 13.41 23.91 -14.15
CA LYS A 569 14.14 24.75 -15.10
C LYS A 569 13.34 25.97 -15.52
N ARG A 570 12.01 25.88 -15.66
CA ARG A 570 11.19 27.05 -16.01
C ARG A 570 10.76 27.98 -14.87
N VAL A 571 11.09 27.67 -13.62
CA VAL A 571 10.64 28.48 -12.48
C VAL A 571 11.89 28.83 -11.69
N PRO A 572 12.46 30.02 -11.97
CA PRO A 572 13.83 30.36 -11.64
C PRO A 572 14.47 29.76 -10.38
N ASN A 573 14.10 30.15 -9.17
CA ASN A 573 14.73 29.62 -7.90
C ASN A 573 13.93 28.50 -7.16
N SER A 574 12.95 27.92 -7.84
CA SER A 574 12.10 26.86 -7.25
C SER A 574 12.93 25.71 -6.79
N VAL A 575 12.41 24.99 -5.81
CA VAL A 575 13.01 23.76 -5.38
C VAL A 575 11.95 22.61 -5.37
N LEU A 576 12.50 21.38 -5.41
CA LEU A 576 11.75 20.12 -5.22
C LEU A 576 12.09 19.51 -3.85
N TRP A 577 11.04 19.20 -3.09
CA TRP A 577 11.16 18.71 -1.76
C TRP A 577 10.69 17.25 -1.76
N LEU A 578 11.62 16.34 -1.56
CA LEU A 578 11.31 14.90 -1.52
C LEU A 578 11.71 14.26 -0.17
N LEU A 579 11.34 13.01 0.02
CA LEU A 579 11.73 12.29 1.25
C LEU A 579 12.73 11.22 1.05
N ARG A 580 13.46 10.95 2.14
CA ARG A 580 14.43 9.87 2.13
C ARG A 580 13.68 8.61 2.38
N PHE A 581 13.17 8.01 1.31
CA PHE A 581 12.12 7.01 1.49
C PHE A 581 12.34 5.96 0.37
N PRO A 582 13.49 5.28 0.39
CA PRO A 582 14.48 5.33 1.49
C PRO A 582 15.71 6.19 1.18
N ALA A 583 16.52 6.50 2.19
CA ALA A 583 17.65 7.42 2.07
C ALA A 583 18.63 7.01 0.98
N VAL A 584 18.80 5.70 0.78
CA VAL A 584 19.74 5.21 -0.22
C VAL A 584 19.29 5.58 -1.64
N GLY A 585 18.04 5.96 -1.88
CA GLY A 585 17.67 6.41 -3.21
C GLY A 585 18.15 7.83 -3.52
N GLU A 586 18.48 8.61 -2.49
CA GLU A 586 18.82 10.00 -2.69
C GLU A 586 19.96 10.29 -3.70
N PRO A 587 21.11 9.63 -3.57
CA PRO A 587 22.16 9.90 -4.55
C PRO A 587 21.82 9.48 -5.98
N ASN A 588 21.01 8.46 -6.16
CA ASN A 588 20.49 8.16 -7.49
C ASN A 588 19.60 9.27 -8.05
N ILE A 589 18.64 9.77 -7.26
CA ILE A 589 17.83 10.87 -7.72
C ILE A 589 18.74 12.08 -8.02
N GLN A 590 19.73 12.37 -7.17
CA GLN A 590 20.54 13.57 -7.41
C GLN A 590 21.38 13.45 -8.67
N GLN A 591 21.97 12.31 -8.90
CA GLN A 591 22.76 12.11 -10.10
C GLN A 591 21.92 12.23 -11.37
N TYR A 592 20.76 11.60 -11.40
CA TYR A 592 19.90 11.70 -12.58
C TYR A 592 19.46 13.14 -12.77
N ALA A 593 19.15 13.80 -11.66
CA ALA A 593 18.71 15.20 -11.78
C ALA A 593 19.88 16.06 -12.33
N GLN A 594 21.08 15.80 -11.86
CA GLN A 594 22.26 16.53 -12.39
C GLN A 594 22.41 16.31 -13.88
N ASN A 595 22.21 15.09 -14.36
CA ASN A 595 22.34 14.79 -15.78
C ASN A 595 21.26 15.45 -16.60
N MET A 596 20.14 15.85 -16.01
CA MET A 596 19.13 16.63 -16.73
C MET A 596 19.29 18.15 -16.55
N GLY A 597 20.45 18.59 -16.05
CA GLY A 597 20.75 20.02 -15.84
C GLY A 597 20.23 20.73 -14.58
N LEU A 598 19.91 19.98 -13.55
CA LEU A 598 19.58 20.59 -12.31
C LEU A 598 20.76 20.55 -11.38
N PRO A 599 21.11 21.70 -10.79
CA PRO A 599 22.06 21.53 -9.65
C PRO A 599 21.48 20.82 -8.36
N GLN A 600 22.39 20.41 -7.48
CA GLN A 600 22.04 19.52 -6.34
C GLN A 600 21.17 20.22 -5.32
N ASN A 601 21.56 21.48 -5.08
CA ASN A 601 20.84 22.41 -4.29
C ASN A 601 19.39 22.70 -4.78
N ARG A 602 18.95 22.22 -5.97
CA ARG A 602 17.53 22.40 -6.34
C ARG A 602 16.55 21.32 -5.77
N ILE A 603 17.08 20.18 -5.34
CA ILE A 603 16.29 19.13 -4.67
C ILE A 603 16.69 18.97 -3.22
N ILE A 604 15.74 19.15 -2.33
CA ILE A 604 15.97 19.06 -0.90
C ILE A 604 15.22 17.87 -0.32
N PHE A 605 15.94 17.05 0.38
CA PHE A 605 15.43 15.80 0.99
C PHE A 605 15.20 15.98 2.48
N SER A 606 14.10 15.51 3.00
CA SER A 606 13.86 15.48 4.45
C SER A 606 13.62 14.00 4.89
N PRO A 607 13.81 13.70 6.19
CA PRO A 607 13.51 12.35 6.65
C PRO A 607 12.01 12.11 6.65
N VAL A 608 11.63 10.84 6.63
CA VAL A 608 10.23 10.46 6.88
C VAL A 608 9.91 10.91 8.28
N ALA A 609 8.72 11.41 8.49
CA ALA A 609 8.31 11.93 9.78
C ALA A 609 7.14 11.13 10.37
N PRO A 610 6.83 11.34 11.66
CA PRO A 610 5.60 10.90 12.23
C PRO A 610 4.42 11.44 11.43
N LYS A 611 3.32 10.72 11.51
CA LYS A 611 2.13 11.03 10.70
C LYS A 611 1.69 12.48 10.78
N GLU A 612 1.54 12.96 12.00
CA GLU A 612 0.97 14.30 12.23
C GLU A 612 1.89 15.35 11.61
N GLU A 613 3.21 15.19 11.82
CA GLU A 613 4.23 16.13 11.29
C GLU A 613 4.18 16.10 9.76
N HIS A 614 4.11 14.88 9.23
CA HIS A 614 4.03 14.72 7.77
C HIS A 614 2.85 15.51 7.13
N VAL A 615 1.67 15.45 7.72
CA VAL A 615 0.54 16.14 7.18
C VAL A 615 0.71 17.65 7.41
N ARG A 616 1.11 18.03 8.64
CA ARG A 616 1.28 19.42 9.01
C ARG A 616 2.34 20.11 8.14
N ARG A 617 3.47 19.46 7.87
CA ARG A 617 4.51 20.12 7.14
C ARG A 617 4.20 20.30 5.66
N GLY A 618 3.15 19.66 5.12
CA GLY A 618 2.73 19.94 3.75
C GLY A 618 2.26 21.37 3.57
N GLN A 619 1.89 22.01 4.69
CA GLN A 619 1.51 23.43 4.70
C GLN A 619 2.67 24.32 4.23
N LEU A 620 3.91 23.85 4.30
CA LEU A 620 5.09 24.65 3.86
C LEU A 620 5.27 24.67 2.37
N ALA A 621 4.72 23.69 1.62
CA ALA A 621 4.91 23.66 0.19
C ALA A 621 3.99 24.67 -0.48
N ASP A 622 4.38 25.05 -1.68
CA ASP A 622 3.43 25.81 -2.57
C ASP A 622 2.55 24.88 -3.39
N VAL A 623 3.17 23.86 -3.94
CA VAL A 623 2.49 22.94 -4.85
C VAL A 623 3.06 21.52 -4.63
N CYS A 624 2.20 20.53 -4.76
CA CYS A 624 2.61 19.12 -4.80
C CYS A 624 2.55 18.67 -6.25
N LEU A 625 3.64 18.08 -6.68
CA LEU A 625 3.76 17.41 -7.96
C LEU A 625 3.58 15.90 -7.85
N ASP A 626 2.38 15.45 -8.23
CA ASP A 626 2.01 14.00 -8.14
C ASP A 626 2.75 13.12 -9.12
N THR A 627 3.00 11.88 -8.72
CA THR A 627 3.71 10.91 -9.49
C THR A 627 2.73 10.20 -10.48
N PRO A 628 2.97 10.31 -11.79
CA PRO A 628 1.98 9.72 -12.73
C PRO A 628 2.02 8.21 -12.74
N LEU A 629 3.17 7.58 -12.48
CA LEU A 629 3.31 6.15 -12.65
C LEU A 629 2.37 5.45 -11.68
N CYS A 630 2.45 5.85 -10.42
CA CYS A 630 1.55 5.45 -9.36
C CYS A 630 1.36 6.71 -8.54
N ASN A 631 0.15 7.16 -8.39
CA ASN A 631 -0.10 8.44 -7.78
C ASN A 631 0.07 8.30 -6.22
N GLY A 632 0.17 9.45 -5.55
CA GLY A 632 -0.23 9.51 -4.15
C GLY A 632 -1.65 9.10 -3.97
N HIS A 633 -1.87 8.27 -2.97
CA HIS A 633 -3.20 7.83 -2.59
C HIS A 633 -3.49 8.40 -1.21
N THR A 634 -3.14 7.68 -0.13
CA THR A 634 -3.14 8.29 1.15
C THR A 634 -2.36 9.65 1.10
N THR A 635 -1.23 9.63 0.42
CA THR A 635 -0.33 10.76 0.38
C THR A 635 -0.98 11.93 -0.33
N GLY A 636 -1.86 11.64 -1.31
CA GLY A 636 -2.60 12.69 -1.99
C GLY A 636 -3.62 13.32 -1.05
N MET A 637 -4.33 12.54 -0.24
CA MET A 637 -5.28 13.13 0.72
C MET A 637 -4.48 13.95 1.75
N ASP A 638 -3.34 13.42 2.18
CA ASP A 638 -2.46 14.18 3.16
C ASP A 638 -2.12 15.59 2.69
N VAL A 639 -1.64 15.71 1.47
CA VAL A 639 -1.22 16.96 0.92
C VAL A 639 -2.39 17.93 0.74
N LEU A 640 -3.54 17.44 0.29
CA LEU A 640 -4.67 18.29 0.13
C LEU A 640 -5.28 18.77 1.46
N TRP A 641 -5.19 17.99 2.53
CA TRP A 641 -5.63 18.48 3.84
C TRP A 641 -4.83 19.74 4.32
N ALA A 642 -3.60 19.85 3.88
CA ALA A 642 -2.79 21.02 4.21
C ALA A 642 -3.18 22.25 3.35
N GLY A 643 -4.04 22.07 2.33
CA GLY A 643 -4.38 23.17 1.41
C GLY A 643 -3.42 23.27 0.29
N THR A 644 -2.60 22.23 0.04
CA THR A 644 -1.63 22.28 -1.01
C THR A 644 -2.17 21.79 -2.35
N PRO A 645 -2.22 22.64 -3.37
CA PRO A 645 -2.68 22.13 -4.67
C PRO A 645 -1.77 21.06 -5.17
N MET A 646 -2.34 20.01 -5.71
CA MET A 646 -1.59 18.94 -6.34
C MET A 646 -1.87 18.87 -7.85
N VAL A 647 -0.80 18.73 -8.62
CA VAL A 647 -0.86 18.63 -10.08
C VAL A 647 -0.67 17.16 -10.42
N THR A 648 -1.57 16.59 -11.20
CA THR A 648 -1.49 15.18 -11.53
C THR A 648 -1.81 14.95 -13.00
N MET A 649 -1.34 13.81 -13.51
CA MET A 649 -1.61 13.34 -14.87
C MET A 649 -2.11 11.88 -14.81
N PRO A 650 -3.39 11.67 -14.91
CA PRO A 650 -3.94 10.35 -14.72
C PRO A 650 -3.65 9.48 -15.92
N GLY A 651 -3.40 8.22 -15.66
CA GLY A 651 -2.99 7.29 -16.66
C GLY A 651 -4.13 6.35 -16.97
N GLU A 652 -3.82 5.07 -17.04
CA GLU A 652 -4.88 4.02 -17.31
C GLU A 652 -5.25 3.10 -16.10
N THR A 653 -4.18 2.74 -15.39
CA THR A 653 -4.36 1.92 -14.19
C THR A 653 -5.10 2.68 -13.11
N LEU A 654 -5.82 1.93 -12.31
CA LEU A 654 -6.48 2.47 -11.12
C LEU A 654 -5.42 3.28 -10.32
N ALA A 655 -4.22 2.71 -10.12
CA ALA A 655 -3.23 3.38 -9.25
C ALA A 655 -2.72 4.73 -9.82
N SER A 656 -2.74 4.87 -11.17
CA SER A 656 -2.36 6.13 -11.85
C SER A 656 -3.45 7.14 -11.95
N ARG A 657 -4.66 6.88 -11.45
CA ARG A 657 -5.83 7.74 -11.65
C ARG A 657 -6.46 8.24 -10.37
N VAL A 658 -5.98 7.76 -9.22
CA VAL A 658 -6.66 8.11 -7.98
C VAL A 658 -6.56 9.62 -7.68
N ALA A 659 -5.39 10.19 -7.87
CA ALA A 659 -5.21 11.61 -7.50
C ALA A 659 -6.16 12.50 -8.31
N ALA A 660 -6.28 12.28 -9.63
CA ALA A 660 -7.33 13.01 -10.45
C ALA A 660 -8.75 12.86 -9.94
N SER A 661 -9.04 11.65 -9.40
CA SER A 661 -10.31 11.41 -8.82
C SER A 661 -10.54 12.22 -7.57
N GLN A 662 -9.53 12.28 -6.70
CA GLN A 662 -9.59 13.11 -5.47
C GLN A 662 -9.80 14.57 -5.87
N LEU A 663 -9.04 15.03 -6.85
CA LEU A 663 -9.09 16.43 -7.31
C LEU A 663 -10.41 16.77 -7.97
N THR A 664 -10.99 15.79 -8.68
CA THR A 664 -12.31 16.02 -9.27
C THR A 664 -13.31 16.18 -8.18
N CYS A 665 -13.25 15.32 -7.16
CA CYS A 665 -14.20 15.44 -6.04
C CYS A 665 -14.02 16.81 -5.28
N LEU A 666 -12.76 17.17 -5.08
CA LEU A 666 -12.42 18.41 -4.41
C LEU A 666 -12.95 19.62 -5.21
N GLY A 667 -13.10 19.50 -6.52
CA GLY A 667 -13.59 20.59 -7.38
C GLY A 667 -12.42 21.41 -7.94
N CYS A 668 -11.30 20.78 -8.29
CA CYS A 668 -10.14 21.41 -8.89
C CYS A 668 -9.70 20.79 -10.17
N LEU A 669 -10.51 20.93 -11.23
CA LEU A 669 -10.22 20.32 -12.52
C LEU A 669 -9.02 20.90 -13.23
N GLU A 670 -8.66 22.14 -12.90
CA GLU A 670 -7.52 22.82 -13.51
C GLU A 670 -6.19 22.23 -13.08
N LEU A 671 -6.21 21.33 -12.07
CA LEU A 671 -4.94 20.71 -11.63
C LEU A 671 -4.72 19.34 -12.29
N ILE A 672 -5.61 18.92 -13.23
CA ILE A 672 -5.46 17.62 -13.90
C ILE A 672 -4.97 17.79 -15.33
N ALA A 673 -3.86 17.18 -15.64
CA ALA A 673 -3.24 17.29 -16.94
C ALA A 673 -3.55 16.07 -17.85
N LYS A 674 -3.69 16.32 -19.15
CA LYS A 674 -3.98 15.27 -20.12
C LYS A 674 -2.72 14.77 -20.70
N ASN A 675 -1.60 15.46 -20.52
CA ASN A 675 -0.40 14.93 -21.04
C ASN A 675 0.75 15.64 -20.34
N ARG A 676 1.96 15.27 -20.64
CA ARG A 676 3.12 15.74 -19.92
C ARG A 676 3.37 17.22 -20.09
N GLN A 677 3.16 17.72 -21.30
CA GLN A 677 3.32 19.19 -21.54
C GLN A 677 2.36 20.00 -20.70
N GLU A 678 1.10 19.55 -20.61
CA GLU A 678 0.13 20.25 -19.82
C GLU A 678 0.45 20.18 -18.27
N TYR A 679 0.95 19.04 -17.81
CA TYR A 679 1.32 18.91 -16.36
C TYR A 679 2.43 19.95 -16.09
N GLU A 680 3.43 20.01 -16.96
CA GLU A 680 4.56 20.95 -16.77
C GLU A 680 4.05 22.42 -16.82
N ASP A 681 3.18 22.72 -17.79
CA ASP A 681 2.63 24.05 -17.92
C ASP A 681 1.81 24.46 -16.71
N ILE A 682 0.95 23.56 -16.22
CA ILE A 682 0.16 23.85 -15.03
C ILE A 682 1.08 24.19 -13.81
N ALA A 683 2.10 23.36 -13.63
CA ALA A 683 3.00 23.48 -12.49
C ALA A 683 3.84 24.76 -12.60
N VAL A 684 4.24 25.10 -13.82
CA VAL A 684 5.02 26.33 -14.12
C VAL A 684 4.19 27.53 -13.86
N LYS A 685 2.97 27.51 -14.35
CA LYS A 685 2.10 28.64 -14.09
C LYS A 685 1.83 28.88 -12.61
N LEU A 686 1.54 27.81 -11.86
CA LEU A 686 1.42 27.94 -10.39
C LEU A 686 2.66 28.53 -9.68
N GLY A 687 3.84 28.24 -10.19
CA GLY A 687 5.07 28.69 -9.54
C GLY A 687 5.50 30.08 -10.04
N THR A 688 4.89 30.57 -11.12
CA THR A 688 5.31 31.83 -11.80
C THR A 688 4.28 32.95 -11.64
N ASP A 689 3.02 32.64 -11.66
CA ASP A 689 1.97 33.66 -11.47
C ASP A 689 1.50 33.55 -10.04
N LEU A 690 2.02 34.40 -9.15
CA LEU A 690 1.70 34.26 -7.73
C LEU A 690 0.28 34.62 -7.33
N GLU A 691 -0.42 35.44 -8.09
CA GLU A 691 -1.86 35.66 -7.83
C GLU A 691 -2.70 34.41 -8.12
N TYR A 692 -2.37 33.77 -9.23
CA TYR A 692 -3.01 32.52 -9.64
C TYR A 692 -2.73 31.46 -8.53
N LEU A 693 -1.47 31.37 -8.10
CA LEU A 693 -1.12 30.48 -6.98
C LEU A 693 -2.00 30.69 -5.78
N LYS A 694 -2.14 31.93 -5.37
CA LYS A 694 -2.89 32.19 -4.21
C LYS A 694 -4.34 31.82 -4.44
N LYS A 695 -4.84 32.11 -5.63
CA LYS A 695 -6.22 31.76 -5.89
C LYS A 695 -6.46 30.22 -5.81
N VAL A 696 -5.62 29.45 -6.43
CA VAL A 696 -5.80 27.97 -6.43
C VAL A 696 -5.58 27.40 -5.01
N ARG A 697 -4.55 27.88 -4.31
CA ARG A 697 -4.40 27.53 -2.93
C ARG A 697 -5.63 27.82 -2.12
N GLY A 698 -6.28 28.96 -2.37
CA GLY A 698 -7.43 29.29 -1.56
C GLY A 698 -8.59 28.33 -1.88
N LYS A 699 -8.71 27.94 -3.15
CA LYS A 699 -9.72 26.96 -3.52
C LYS A 699 -9.52 25.61 -2.77
N VAL A 700 -8.30 25.14 -2.73
CA VAL A 700 -7.99 23.91 -2.05
C VAL A 700 -8.29 24.03 -0.56
N TRP A 701 -7.84 25.13 0.05
CA TRP A 701 -8.05 25.38 1.45
C TRP A 701 -9.49 25.37 1.84
N LYS A 702 -10.30 26.07 1.05
CA LYS A 702 -11.74 26.10 1.30
C LYS A 702 -12.42 24.76 0.94
N GLN A 703 -12.06 24.17 -0.21
CA GLN A 703 -12.84 23.00 -0.70
C GLN A 703 -12.54 21.70 0.02
N ARG A 704 -11.44 21.65 0.74
CA ARG A 704 -11.18 20.50 1.57
C ARG A 704 -12.24 20.36 2.65
N ILE A 705 -12.90 21.44 3.00
CA ILE A 705 -14.02 21.41 3.96
C ILE A 705 -15.41 21.37 3.27
N SER A 706 -15.60 22.20 2.23
CA SER A 706 -16.91 22.36 1.55
C SER A 706 -17.26 21.19 0.55
N SER A 707 -16.25 20.60 -0.07
CA SER A 707 -16.42 19.43 -0.92
C SER A 707 -16.68 18.15 -0.13
N PRO A 708 -17.04 17.08 -0.87
CA PRO A 708 -17.27 15.82 -0.21
C PRO A 708 -15.94 15.11 0.20
N LEU A 709 -14.80 15.56 -0.25
CA LEU A 709 -13.61 14.70 -0.20
C LEU A 709 -13.27 14.15 1.12
N PHE A 710 -13.37 14.97 2.16
CA PHE A 710 -13.03 14.55 3.51
C PHE A 710 -14.23 14.29 4.39
N ASN A 711 -15.42 14.25 3.78
CA ASN A 711 -16.68 14.17 4.54
C ASN A 711 -17.05 12.69 4.71
N THR A 712 -16.70 12.11 5.86
CA THR A 712 -16.82 10.67 6.12
C THR A 712 -18.30 10.33 6.34
N LYS A 713 -19.05 11.25 6.91
CA LYS A 713 -20.48 10.97 7.07
C LYS A 713 -21.23 10.85 5.70
N GLN A 714 -21.01 11.78 4.82
CA GLN A 714 -21.55 11.74 3.48
C GLN A 714 -21.04 10.46 2.79
N TYR A 715 -19.75 10.17 2.91
CA TYR A 715 -19.14 9.05 2.23
C TYR A 715 -19.90 7.79 2.68
N THR A 716 -20.10 7.64 3.97
CA THR A 716 -20.71 6.45 4.54
C THR A 716 -22.14 6.27 4.06
N MET A 717 -22.84 7.38 3.99
CA MET A 717 -24.18 7.37 3.46
C MET A 717 -24.23 6.93 2.01
N GLU A 718 -23.31 7.41 1.20
CA GLU A 718 -23.25 6.94 -0.21
C GLU A 718 -22.79 5.49 -0.37
N LEU A 719 -21.86 5.06 0.47
CA LEU A 719 -21.49 3.64 0.48
C LEU A 719 -22.69 2.73 0.80
N GLU A 720 -23.50 3.11 1.78
CA GLU A 720 -24.75 2.45 2.11
C GLU A 720 -25.70 2.31 0.93
N ARG A 721 -25.87 3.35 0.17
CA ARG A 721 -26.72 3.26 -1.02
C ARG A 721 -26.14 2.31 -2.01
N LEU A 722 -24.82 2.37 -2.24
CA LEU A 722 -24.18 1.39 -3.09
C LEU A 722 -24.34 -0.03 -2.61
N TYR A 723 -24.15 -0.27 -1.31
CA TYR A 723 -24.33 -1.60 -0.79
C TYR A 723 -25.80 -2.10 -1.07
N LEU A 724 -26.79 -1.23 -0.84
CA LEU A 724 -28.17 -1.64 -1.13
C LEU A 724 -28.45 -1.92 -2.60
N GLN A 725 -27.81 -1.21 -3.53
CA GLN A 725 -27.90 -1.55 -4.93
C GLN A 725 -27.36 -2.94 -5.16
N MET A 726 -26.21 -3.27 -4.55
CA MET A 726 -25.65 -4.61 -4.67
C MET A 726 -26.62 -5.68 -4.16
N TRP A 727 -27.12 -5.45 -2.96
CA TRP A 727 -27.91 -6.41 -2.28
C TRP A 727 -29.24 -6.64 -3.09
N GLU A 728 -29.89 -5.55 -3.51
CA GLU A 728 -31.21 -5.67 -4.23
C GLU A 728 -31.07 -6.49 -5.49
N HIS A 729 -29.98 -6.29 -6.19
CA HIS A 729 -29.69 -6.96 -7.43
C HIS A 729 -29.54 -8.46 -7.14
N TYR A 730 -28.76 -8.82 -6.10
CA TYR A 730 -28.64 -10.23 -5.69
C TYR A 730 -29.97 -10.83 -5.25
N ALA A 731 -30.68 -10.09 -4.39
CA ALA A 731 -31.91 -10.60 -3.79
C ALA A 731 -32.98 -10.91 -4.85
N ALA A 732 -32.96 -10.17 -5.96
CA ALA A 732 -33.89 -10.38 -7.05
C ALA A 732 -33.48 -11.54 -7.95
N GLY A 733 -32.32 -12.16 -7.67
CA GLY A 733 -31.90 -13.40 -8.28
C GLY A 733 -30.84 -13.20 -9.36
N ASN A 734 -30.12 -12.07 -9.38
CA ASN A 734 -29.16 -11.79 -10.46
C ASN A 734 -27.74 -11.99 -9.96
N LYS A 735 -26.87 -12.35 -10.88
CA LYS A 735 -25.40 -12.29 -10.69
C LYS A 735 -24.88 -10.86 -10.81
N PRO A 736 -23.64 -10.62 -10.35
CA PRO A 736 -23.21 -9.27 -10.31
C PRO A 736 -23.17 -8.58 -11.71
N ASP A 737 -23.49 -7.30 -11.70
CA ASP A 737 -23.41 -6.43 -12.89
C ASP A 737 -22.73 -5.15 -12.50
N HIS A 738 -22.11 -4.53 -13.47
CA HIS A 738 -21.63 -3.16 -13.30
C HIS A 738 -22.69 -2.24 -12.78
N MET A 739 -22.32 -1.45 -11.73
CA MET A 739 -23.24 -0.51 -11.07
C MET A 739 -22.66 0.91 -11.27
N ILE A 740 -22.91 1.43 -12.46
CA ILE A 740 -22.16 2.53 -13.04
C ILE A 740 -23.08 3.62 -13.58
N LYS A 741 -24.28 3.70 -13.07
CA LYS A 741 -25.27 4.56 -13.69
C LYS A 741 -24.99 6.03 -13.22
N PRO A 742 -24.86 7.03 -14.15
CA PRO A 742 -24.75 8.42 -13.62
C PRO A 742 -26.05 8.91 -12.99
N1 UDP B . 3.77 9.07 5.86
C2 UDP B . 4.31 9.46 7.10
N3 UDP B . 5.40 10.28 7.14
C4 UDP B . 6.01 10.69 6.02
C5 UDP B . 5.52 10.29 4.74
C6 UDP B . 4.41 9.45 4.74
O2 UDP B . 3.71 9.09 8.12
O4 UDP B . 6.97 11.44 6.12
C1' UDP B . 2.61 8.15 5.82
C2' UDP B . 1.45 8.48 4.91
O2' UDP B . 0.52 9.35 5.55
C3' UDP B . 0.94 7.06 4.60
C4' UDP B . 2.16 6.18 4.58
O4' UDP B . 3.19 6.97 5.24
O3' UDP B . 0.16 6.61 5.68
C5' UDP B . 2.68 5.86 3.20
O5' UDP B . 1.99 4.73 2.74
PA UDP B . 1.86 4.48 1.16
O1A UDP B . 1.04 3.26 1.10
O2A UDP B . 3.25 4.59 0.53
O3A UDP B . 0.90 5.68 0.75
PB UDP B . -0.03 5.77 -0.61
O1B UDP B . 0.63 4.87 -1.59
O2B UDP B . 0.01 7.26 -0.86
O3B UDP B . -1.34 5.40 -0.14
C1 GOL C . -0.15 -28.66 8.00
O1 GOL C . 0.53 -29.73 8.27
C2 GOL C . -0.79 -27.65 8.84
O2 GOL C . -1.89 -28.16 9.60
C3 GOL C . 0.30 -26.76 9.42
O3 GOL C . 0.35 -25.40 8.88
P PO4 D . 5.68 -22.35 -10.23
O1 PO4 D . 6.91 -23.17 -10.31
O2 PO4 D . 4.94 -22.95 -9.13
O3 PO4 D . 4.96 -22.12 -11.55
O4 PO4 D . 6.19 -20.97 -9.86
P PO4 E . 2.50 12.67 -23.62
O1 PO4 E . 1.68 11.54 -24.16
O2 PO4 E . 1.86 12.87 -22.29
O3 PO4 E . 3.95 12.29 -23.56
O4 PO4 E . 2.38 13.90 -24.46
#